data_4CRN
#
_entry.id   4CRN
#
_cell.length_a   1.000
_cell.length_b   1.000
_cell.length_c   1.000
_cell.angle_alpha   90.00
_cell.angle_beta   90.00
_cell.angle_gamma   90.00
#
_symmetry.space_group_name_H-M   'P 1'
#
loop_
_entity.id
_entity.type
_entity.pdbx_description
1 polymer 'ERF3 IN RIBOSOME BOUND ERF1-ERF3-GDPNP COMPLEX'
2 polymer 'ERF1 IN RIBOSOME-BOUND ERF1-ERF3-GDPNP COMPLEX'
3 non-polymer 'PHOSPHOAMINOPHOSPHONIC ACID-GUANYLATE ESTER'
#
loop_
_entity_poly.entity_id
_entity_poly.type
_entity_poly.pdbx_seq_one_letter_code
_entity_poly.pdbx_strand_id
1 'polypeptide(L)'
;GGKDHVSLIFMGHVDAGKSTMGGNLLYLTGSVDKRTIEKYEREAKDAGRQGWYLSWVMDTNKEERNDGKTIEVGKAYFET
EKRRYTILDAPGHKMYVSEMIGGASQADVGVLVISARKGEYETGFERGGQTREHALLAKTQGVNKMVVVVNKMDDPTVNW
SKERYDQCVSNVSNFLRAIGYNIKTDVVFMPVSGYSGANLKDHVDPKECPWYTGPTLLEYLDTMNHVDRHINAPFMLPIA
AKMKDLGTIVEGKIESGHIKKGQSTLLMPNKTAVEIQNIYNETENEVDMAMCGEQVKLRIKGVEEEDISPGFVLTSPKNP
IKSVTKFVAQIAIVELKSIIAAGFSCVMHVHTAIEEVHIVKLLHKLEKGTNRKSKKPPAFAKKGMKVIAVLETEAPVCVE
TYQDYPQLGRFTLRDQGTTIAIGKIVKIAE
;
P
2 'polypeptide(L)'
;MDNEVEKNIEIWKVKKLVQSLEKARGNGTSMISLVIPPKGLIPLYQKMLTDEYGTASNIKSRVNRLSVLSAITSTQQKLK
LYNTLPKNGLVLYCGDIITEDGKEKKVTFDIEPYKPINTSLYLCDNKFHTEVLSELLQADDKFGFIVMDGQGTLFGSVSG
NTRTVLHKFTVDLPKKHGRGGQSALRFARLREEKRHNYVRKVAEVAVQNFITNDKVNVKGLILAGSADFKTDLAKSELFD
PRLACKVISIVDVSYGGENGFNQAIELSAEALANVKYVQEKKLLEAYFDEISQDTGKFCFGIDDTLKALDLGAVEKLIVF
ENLETIRYTFKDAEDNEVIKFAEPEAKDKSFAIDKATGQEMDVVSEEPLIEWLAANYKNFGATLEFITDKSSEGAQFVTG
FGGIGAMLRYKVNFEQLVDESEDEYYDEDEGSDYDFI
;
X
#
# COMPACT_ATOMS: atom_id res chain seq x y z
N GLY A 1 -13.35 -10.72 -33.21
CA GLY A 1 -12.90 -10.54 -34.61
C GLY A 1 -13.58 -9.31 -35.14
N GLY A 2 -14.66 -9.27 -35.94
CA GLY A 2 -15.58 -8.17 -36.45
C GLY A 2 -16.80 -7.50 -35.66
N LYS A 3 -17.92 -8.06 -35.20
CA LYS A 3 -18.64 -7.86 -33.89
C LYS A 3 -19.72 -8.93 -33.77
N ASP A 4 -20.12 -9.11 -32.48
CA ASP A 4 -20.98 -10.09 -31.83
C ASP A 4 -20.22 -11.07 -31.04
N HIS A 5 -19.15 -10.71 -30.38
CA HIS A 5 -18.35 -11.76 -29.88
C HIS A 5 -18.04 -11.24 -28.51
N VAL A 6 -18.61 -11.90 -27.46
CA VAL A 6 -19.00 -11.46 -26.12
C VAL A 6 -18.13 -10.43 -25.42
N SER A 7 -18.62 -9.95 -24.25
CA SER A 7 -17.75 -9.57 -23.14
C SER A 7 -18.05 -10.40 -21.90
N LEU A 8 -17.11 -11.28 -21.54
CA LEU A 8 -17.24 -12.24 -20.45
C LEU A 8 -16.04 -12.10 -19.55
N ILE A 9 -16.33 -11.94 -18.25
CA ILE A 9 -15.34 -12.09 -17.20
C ILE A 9 -15.80 -13.06 -16.12
N PHE A 10 -15.05 -14.15 -16.00
CA PHE A 10 -15.15 -15.02 -14.85
C PHE A 10 -14.75 -14.30 -13.57
N MET A 11 -15.47 -14.69 -12.53
CA MET A 11 -15.37 -14.30 -11.14
C MET A 11 -15.74 -15.56 -10.31
N GLY A 12 -15.25 -15.70 -9.09
CA GLY A 12 -15.46 -16.90 -8.27
C GLY A 12 -14.50 -16.94 -7.10
N HIS A 13 -14.55 -17.85 -6.13
CA HIS A 13 -13.44 -17.90 -5.14
C HIS A 13 -12.18 -18.52 -5.78
N VAL A 14 -11.01 -18.31 -5.17
CA VAL A 14 -9.73 -18.67 -5.82
C VAL A 14 -9.61 -20.19 -5.97
N ASP A 15 -10.03 -20.91 -4.93
CA ASP A 15 -10.17 -22.37 -4.85
C ASP A 15 -11.14 -22.98 -5.89
N ALA A 16 -12.05 -22.18 -6.46
CA ALA A 16 -13.21 -22.67 -7.22
C ALA A 16 -12.90 -23.43 -8.53
N GLY A 17 -11.62 -23.70 -8.80
CA GLY A 17 -11.12 -24.23 -10.06
C GLY A 17 -11.47 -23.35 -11.26
N LYS A 18 -11.68 -22.05 -11.03
CA LYS A 18 -12.18 -21.18 -12.08
C LYS A 18 -11.22 -21.06 -13.27
N SER A 19 -9.92 -21.19 -13.03
CA SER A 19 -8.90 -21.18 -14.06
C SER A 19 -8.92 -22.45 -14.90
N THR A 20 -9.15 -23.61 -14.28
CA THR A 20 -9.32 -24.93 -14.95
C THR A 20 -10.47 -24.87 -15.95
N MET A 21 -11.61 -24.36 -15.46
CA MET A 21 -12.86 -24.19 -16.17
C MET A 21 -12.74 -23.19 -17.33
N GLY A 22 -12.12 -22.03 -17.08
CA GLY A 22 -11.88 -21.02 -18.13
C GLY A 22 -10.87 -21.48 -19.19
N GLY A 23 -9.93 -22.35 -18.81
CA GLY A 23 -9.03 -23.04 -19.73
C GLY A 23 -9.74 -24.08 -20.59
N ASN A 24 -10.60 -24.91 -19.99
CA ASN A 24 -11.44 -25.86 -20.73
C ASN A 24 -12.40 -25.18 -21.73
N LEU A 25 -12.84 -23.95 -21.46
CA LEU A 25 -13.60 -23.15 -22.44
C LEU A 25 -12.73 -22.62 -23.60
N LEU A 26 -11.49 -22.21 -23.33
CA LEU A 26 -10.52 -21.77 -24.34
C LEU A 26 -10.16 -22.93 -25.29
N TYR A 27 -9.89 -24.07 -24.66
CA TYR A 27 -9.34 -25.30 -25.20
C TYR A 27 -9.96 -25.78 -26.53
N LEU A 28 -9.34 -25.34 -27.64
CA LEU A 28 -9.71 -25.61 -29.04
C LEU A 28 -11.22 -25.70 -29.30
N THR A 29 -11.78 -24.51 -29.54
CA THR A 29 -13.16 -24.20 -29.80
C THR A 29 -13.92 -25.19 -30.66
N GLY A 30 -13.38 -25.47 -31.87
CA GLY A 30 -14.03 -26.18 -33.00
C GLY A 30 -14.64 -27.53 -32.60
N SER A 31 -13.99 -28.09 -31.57
CA SER A 31 -14.40 -29.06 -30.56
C SER A 31 -13.49 -30.24 -30.78
N VAL A 32 -12.73 -30.64 -29.77
CA VAL A 32 -11.54 -31.47 -29.99
C VAL A 32 -10.52 -30.79 -30.94
N ASP A 33 -10.54 -30.95 -32.28
CA ASP A 33 -9.59 -30.41 -33.31
C ASP A 33 -8.17 -29.92 -32.91
N LYS A 34 -7.24 -30.85 -32.62
CA LYS A 34 -6.10 -30.52 -31.75
C LYS A 34 -4.91 -31.47 -31.70
N ARG A 35 -4.23 -31.67 -32.83
CA ARG A 35 -3.10 -32.63 -32.95
C ARG A 35 -1.89 -32.42 -32.03
N THR A 36 -1.86 -31.36 -31.23
CA THR A 36 -0.83 -31.12 -30.20
C THR A 36 -1.40 -31.18 -28.78
N ILE A 37 -2.56 -30.53 -28.50
CA ILE A 37 -3.09 -30.47 -27.16
C ILE A 37 -3.79 -31.75 -26.71
N GLU A 38 -4.28 -32.65 -27.65
CA GLU A 38 -4.68 -34.03 -27.29
C GLU A 38 -3.52 -34.89 -26.75
N LYS A 39 -2.27 -34.55 -27.13
CA LYS A 39 -1.12 -35.30 -26.70
C LYS A 39 -0.72 -34.78 -25.33
N TYR A 40 -0.83 -33.44 -25.11
CA TYR A 40 -0.62 -32.84 -23.80
C TYR A 40 -1.62 -33.26 -22.75
N GLU A 41 -2.88 -33.56 -23.14
CA GLU A 41 -3.90 -33.94 -22.19
C GLU A 41 -3.79 -35.39 -21.85
N ARG A 42 -2.80 -36.11 -22.46
CA ARG A 42 -2.75 -37.57 -22.35
C ARG A 42 -2.53 -38.15 -20.94
N GLU A 43 -2.19 -37.30 -19.98
CA GLU A 43 -2.23 -37.53 -18.53
C GLU A 43 -1.89 -36.23 -17.80
N ALA A 44 -0.75 -35.57 -18.16
CA ALA A 44 0.11 -34.57 -17.54
C ALA A 44 -0.19 -33.94 -16.23
N LYS A 45 -0.74 -34.60 -15.17
CA LYS A 45 -1.74 -33.82 -14.44
C LYS A 45 -1.78 -34.02 -12.96
N ASP A 46 -1.56 -32.78 -12.47
CA ASP A 46 -0.50 -32.23 -11.71
C ASP A 46 0.17 -33.03 -10.63
N ALA A 47 1.22 -32.38 -10.09
CA ALA A 47 1.70 -32.22 -8.75
C ALA A 47 0.75 -31.37 -7.96
N GLY A 48 1.02 -31.30 -6.66
CA GLY A 48 0.04 -31.19 -5.58
C GLY A 48 -0.69 -29.88 -5.48
N ARG A 49 -0.09 -28.90 -6.20
CA ARG A 49 -0.27 -27.49 -6.37
C ARG A 49 -1.67 -26.97 -6.66
N GLN A 50 -2.19 -27.12 -7.91
CA GLN A 50 -3.55 -26.78 -8.30
C GLN A 50 -4.38 -28.00 -8.10
N GLY A 51 -3.68 -29.15 -8.01
CA GLY A 51 -4.24 -30.46 -7.72
C GLY A 51 -5.11 -30.86 -8.90
N TRP A 52 -5.68 -32.06 -8.83
CA TRP A 52 -6.26 -32.64 -10.01
C TRP A 52 -7.67 -33.26 -9.79
N TYR A 53 -8.66 -32.72 -10.57
CA TYR A 53 -9.95 -33.22 -11.08
C TYR A 53 -10.37 -33.26 -12.67
N LEU A 54 -10.01 -34.19 -13.59
CA LEU A 54 -9.88 -34.13 -15.13
C LEU A 54 -9.84 -32.85 -16.01
N SER A 55 -10.58 -31.77 -15.72
CA SER A 55 -10.67 -30.38 -16.29
C SER A 55 -9.39 -29.67 -16.77
N TRP A 56 -8.28 -30.32 -16.43
CA TRP A 56 -7.00 -29.80 -16.40
C TRP A 56 -6.51 -29.49 -17.80
N VAL A 57 -5.31 -29.98 -18.17
CA VAL A 57 -4.49 -29.65 -19.30
C VAL A 57 -4.18 -28.21 -19.22
N MET A 58 -3.89 -27.77 -17.96
CA MET A 58 -4.22 -26.40 -17.59
C MET A 58 -3.97 -26.24 -16.09
N ASP A 59 -4.17 -27.31 -15.30
CA ASP A 59 -3.87 -27.29 -13.86
C ASP A 59 -2.38 -27.45 -13.57
N THR A 60 -1.71 -28.31 -14.34
CA THR A 60 -0.24 -28.39 -14.39
C THR A 60 0.43 -27.20 -15.11
N ASN A 61 -0.31 -26.55 -16.03
CA ASN A 61 0.09 -25.24 -16.53
C ASN A 61 0.06 -24.18 -15.41
N LYS A 62 -0.86 -24.21 -14.36
CA LYS A 62 -0.64 -23.34 -13.19
C LYS A 62 0.62 -23.65 -12.52
N GLU A 63 1.05 -24.92 -12.51
CA GLU A 63 2.09 -25.43 -11.65
C GLU A 63 3.26 -24.64 -11.97
N GLU A 64 3.70 -24.81 -13.19
CA GLU A 64 4.88 -24.05 -13.62
C GLU A 64 4.60 -22.56 -13.66
N ARG A 65 3.68 -21.84 -13.05
CA ARG A 65 3.49 -20.50 -13.60
C ARG A 65 4.32 -19.51 -12.78
N ASN A 66 5.24 -19.99 -11.94
CA ASN A 66 5.09 -20.12 -10.58
C ASN A 66 4.08 -19.06 -10.10
N ASP A 67 3.08 -19.87 -9.92
CA ASP A 67 1.73 -20.26 -9.54
C ASP A 67 0.54 -19.83 -8.74
N GLY A 68 0.63 -19.35 -7.49
CA GLY A 68 -0.39 -19.78 -6.51
C GLY A 68 -1.49 -18.82 -6.50
N LYS A 69 -1.29 -17.92 -7.45
CA LYS A 69 -1.79 -16.68 -7.73
C LYS A 69 -2.64 -16.75 -8.90
N THR A 70 -2.24 -17.53 -9.90
CA THR A 70 -2.83 -17.26 -11.15
C THR A 70 -2.72 -18.51 -11.92
N ILE A 71 -3.81 -19.13 -12.58
CA ILE A 71 -3.40 -20.19 -13.43
C ILE A 71 -3.55 -19.81 -14.88
N GLU A 72 -4.72 -19.21 -15.27
CA GLU A 72 -4.97 -18.81 -16.65
C GLU A 72 -4.31 -17.49 -16.99
N VAL A 73 -3.00 -17.51 -17.18
CA VAL A 73 -2.26 -16.30 -17.54
C VAL A 73 -3.21 -15.25 -18.09
N GLY A 74 -3.75 -14.41 -17.20
CA GLY A 74 -4.69 -13.38 -17.60
C GLY A 74 -5.10 -13.61 -19.04
N LYS A 75 -5.13 -14.88 -19.42
CA LYS A 75 -5.46 -15.28 -20.79
C LYS A 75 -6.20 -16.58 -21.06
N ALA A 76 -7.32 -16.32 -21.69
CA ALA A 76 -8.10 -17.14 -22.62
C ALA A 76 -9.15 -16.31 -23.39
N TYR A 77 -9.82 -17.50 -24.34
CA TYR A 77 -11.15 -17.54 -24.96
C TYR A 77 -11.34 -18.70 -25.92
N PHE A 78 -12.60 -18.73 -26.51
CA PHE A 78 -13.09 -19.56 -27.61
C PHE A 78 -14.23 -18.95 -28.45
N GLU A 79 -14.86 -19.76 -29.35
CA GLU A 79 -16.07 -19.49 -30.11
C GLU A 79 -16.99 -20.63 -29.77
N THR A 80 -18.28 -20.53 -30.16
CA THR A 80 -19.25 -21.56 -29.98
C THR A 80 -19.90 -21.72 -31.34
N GLU A 81 -21.12 -22.29 -31.40
CA GLU A 81 -22.01 -22.28 -32.55
C GLU A 81 -22.91 -21.05 -32.51
N LYS A 82 -22.38 -19.88 -32.12
CA LYS A 82 -23.10 -18.65 -32.21
C LYS A 82 -22.10 -17.59 -32.50
N ARG A 83 -21.10 -17.39 -31.60
CA ARG A 83 -20.32 -16.18 -31.61
C ARG A 83 -18.98 -16.55 -31.03
N ARG A 84 -18.08 -15.55 -30.82
CA ARG A 84 -16.78 -15.70 -30.17
C ARG A 84 -17.05 -15.08 -28.87
N TYR A 85 -16.24 -15.49 -27.93
CA TYR A 85 -16.25 -15.13 -26.55
C TYR A 85 -14.83 -14.70 -26.40
N THR A 86 -14.44 -13.49 -25.87
CA THR A 86 -13.29 -13.27 -25.00
C THR A 86 -13.48 -14.18 -23.80
N ILE A 87 -12.38 -14.45 -23.13
CA ILE A 87 -12.38 -14.64 -21.70
C ILE A 87 -11.38 -13.70 -21.04
N LEU A 88 -11.64 -13.52 -19.76
CA LEU A 88 -10.77 -12.88 -18.81
C LEU A 88 -11.13 -13.48 -17.44
N ASP A 89 -10.14 -14.04 -16.74
CA ASP A 89 -10.33 -15.05 -15.70
C ASP A 89 -9.88 -14.55 -14.32
N ALA A 90 -10.83 -14.15 -13.47
CA ALA A 90 -10.48 -13.59 -12.20
C ALA A 90 -9.52 -14.43 -11.35
N PRO A 91 -8.75 -13.69 -10.56
CA PRO A 91 -7.94 -14.13 -9.51
C PRO A 91 -7.93 -15.51 -9.11
N GLY A 92 -6.74 -16.10 -9.28
CA GLY A 92 -6.38 -16.95 -8.23
C GLY A 92 -5.68 -16.19 -7.13
N HIS A 93 -6.31 -15.21 -6.46
CA HIS A 93 -5.58 -14.21 -5.69
C HIS A 93 -4.63 -13.33 -6.52
N LYS A 94 -4.94 -13.18 -7.85
CA LYS A 94 -4.34 -12.31 -8.84
C LYS A 94 -4.93 -10.94 -8.79
N MET A 95 -4.61 -10.20 -9.90
CA MET A 95 -5.32 -9.04 -10.31
C MET A 95 -6.16 -9.15 -11.55
N TYR A 96 -6.34 -10.28 -12.30
CA TYR A 96 -7.22 -10.33 -13.48
C TYR A 96 -8.68 -9.81 -13.25
N VAL A 97 -9.12 -9.64 -12.00
CA VAL A 97 -10.37 -8.93 -11.71
C VAL A 97 -10.29 -7.41 -11.95
N SER A 98 -9.14 -6.81 -11.66
CA SER A 98 -8.83 -5.45 -12.03
C SER A 98 -8.88 -5.35 -13.54
N GLU A 99 -8.23 -6.33 -14.20
CA GLU A 99 -8.19 -6.47 -15.65
C GLU A 99 -9.56 -6.38 -16.30
N MET A 100 -10.64 -6.87 -15.69
CA MET A 100 -11.94 -6.65 -16.32
C MET A 100 -12.39 -5.22 -16.33
N ILE A 101 -12.51 -4.66 -15.13
CA ILE A 101 -13.62 -3.78 -14.92
C ILE A 101 -13.44 -2.52 -15.73
N GLY A 102 -12.31 -1.87 -15.36
CA GLY A 102 -11.67 -0.76 -16.00
C GLY A 102 -10.72 -1.02 -17.00
N GLY A 103 -10.55 -2.29 -17.11
CA GLY A 103 -9.75 -2.87 -18.16
C GLY A 103 -10.69 -3.47 -19.20
N ALA A 104 -10.32 -4.64 -19.66
CA ALA A 104 -10.99 -5.39 -20.70
C ALA A 104 -12.43 -5.80 -20.41
N SER A 105 -13.15 -5.71 -21.51
CA SER A 105 -14.50 -5.23 -21.57
C SER A 105 -15.48 -5.41 -20.46
N GLN A 106 -16.22 -4.32 -20.24
CA GLN A 106 -17.52 -4.33 -19.58
C GLN A 106 -18.32 -5.51 -20.10
N ALA A 107 -18.43 -6.53 -19.26
CA ALA A 107 -19.07 -7.73 -19.70
C ALA A 107 -20.52 -7.37 -20.06
N ASP A 108 -20.98 -7.75 -21.26
CA ASP A 108 -22.43 -7.91 -21.43
C ASP A 108 -22.92 -8.91 -20.38
N VAL A 109 -22.13 -9.99 -20.10
CA VAL A 109 -22.41 -10.84 -18.96
C VAL A 109 -21.09 -11.35 -18.39
N GLY A 110 -20.81 -11.17 -17.04
CA GLY A 110 -19.66 -11.74 -16.27
C GLY A 110 -19.57 -13.28 -16.34
N VAL A 111 -19.04 -13.96 -15.28
CA VAL A 111 -19.62 -15.24 -14.84
C VAL A 111 -19.23 -15.53 -13.43
N LEU A 112 -20.18 -16.06 -12.60
CA LEU A 112 -19.85 -16.48 -11.25
C LEU A 112 -19.67 -17.94 -11.14
N VAL A 113 -18.62 -18.37 -10.38
CA VAL A 113 -18.25 -19.76 -10.30
C VAL A 113 -17.83 -20.14 -8.89
N ILE A 114 -18.52 -21.17 -8.41
CA ILE A 114 -18.70 -21.51 -7.00
C ILE A 114 -18.59 -23.04 -6.91
N SER A 115 -18.22 -23.60 -5.76
CA SER A 115 -17.68 -24.97 -5.70
C SER A 115 -18.20 -25.81 -4.55
N ALA A 116 -19.52 -25.78 -4.35
CA ALA A 116 -20.25 -26.50 -3.31
C ALA A 116 -19.70 -27.91 -2.92
N ARG A 117 -19.29 -28.10 -1.64
CA ARG A 117 -18.57 -29.28 -1.08
C ARG A 117 -18.13 -29.00 0.36
N LYS A 118 -17.66 -29.95 1.17
CA LYS A 118 -17.30 -29.71 2.60
C LYS A 118 -16.31 -28.55 2.84
N GLY A 119 -15.01 -28.77 2.59
CA GLY A 119 -13.97 -27.74 2.72
C GLY A 119 -14.09 -26.60 1.71
N GLU A 120 -14.94 -26.73 0.69
CA GLU A 120 -15.23 -25.62 -0.22
C GLU A 120 -16.41 -24.75 0.23
N TYR A 121 -17.46 -25.30 0.87
CA TYR A 121 -18.62 -24.53 1.36
C TYR A 121 -18.20 -23.62 2.51
N GLU A 122 -17.33 -24.12 3.38
CA GLU A 122 -16.66 -23.35 4.43
C GLU A 122 -15.95 -22.12 3.85
N THR A 123 -15.13 -22.31 2.82
CA THR A 123 -14.43 -21.17 2.20
C THR A 123 -15.27 -20.39 1.16
N GLY A 124 -16.40 -21.01 0.75
CA GLY A 124 -17.52 -20.51 -0.03
C GLY A 124 -18.63 -19.86 0.78
N PHE A 125 -18.47 -19.74 2.13
CA PHE A 125 -19.48 -19.29 3.07
C PHE A 125 -18.57 -18.91 4.20
N GLU A 126 -17.87 -17.88 3.76
CA GLU A 126 -16.97 -16.86 4.17
C GLU A 126 -17.57 -15.98 3.11
N ARG A 127 -17.42 -16.48 1.84
CA ARG A 127 -18.07 -16.14 0.58
C ARG A 127 -17.26 -15.09 -0.11
N GLY A 128 -16.14 -14.75 0.53
CA GLY A 128 -15.29 -13.61 0.15
C GLY A 128 -14.43 -13.83 -1.10
N GLY A 129 -14.85 -14.77 -1.97
CA GLY A 129 -14.33 -15.00 -3.30
C GLY A 129 -13.97 -13.78 -4.11
N GLN A 130 -13.30 -14.07 -5.22
CA GLN A 130 -13.08 -13.20 -6.39
C GLN A 130 -14.38 -12.99 -7.19
N THR A 131 -15.51 -13.27 -6.53
CA THR A 131 -16.83 -12.69 -6.72
C THR A 131 -16.98 -11.28 -6.14
N ARG A 132 -16.42 -11.00 -4.95
CA ARG A 132 -17.08 -10.05 -4.02
C ARG A 132 -16.69 -8.62 -4.24
N GLU A 133 -15.57 -8.15 -3.68
CA GLU A 133 -14.93 -6.91 -4.14
C GLU A 133 -14.78 -6.92 -5.65
N HIS A 134 -14.46 -8.11 -6.11
CA HIS A 134 -14.23 -8.51 -7.47
C HIS A 134 -15.47 -8.65 -8.37
N ALA A 135 -16.70 -8.36 -7.89
CA ALA A 135 -17.81 -7.95 -8.73
C ALA A 135 -18.18 -6.46 -8.54
N LEU A 136 -17.70 -5.78 -7.49
CA LEU A 136 -17.96 -4.36 -7.18
C LEU A 136 -17.01 -3.39 -7.89
N LEU A 137 -15.70 -3.60 -7.76
CA LEU A 137 -14.89 -3.57 -8.98
C LEU A 137 -15.22 -4.81 -9.78
N ALA A 138 -15.50 -4.54 -11.05
CA ALA A 138 -16.42 -5.13 -12.00
C ALA A 138 -17.71 -4.33 -12.16
N LYS A 139 -18.24 -3.59 -11.18
CA LYS A 139 -19.52 -2.83 -11.31
C LYS A 139 -19.48 -1.33 -11.12
N THR A 140 -18.29 -0.73 -11.04
CA THR A 140 -18.09 0.71 -11.18
C THR A 140 -18.57 1.32 -12.50
N GLN A 141 -19.02 0.51 -13.46
CA GLN A 141 -19.69 0.86 -14.73
C GLN A 141 -20.86 -0.09 -15.07
N GLY A 142 -20.62 -1.40 -15.15
CA GLY A 142 -21.43 -2.41 -15.84
C GLY A 142 -20.68 -3.76 -15.90
N VAL A 143 -21.30 -4.90 -16.24
CA VAL A 143 -20.93 -6.34 -15.94
C VAL A 143 -22.06 -6.81 -15.05
N ASN A 144 -22.93 -7.78 -15.45
CA ASN A 144 -23.90 -8.29 -14.48
C ASN A 144 -24.35 -9.64 -14.92
N LYS A 145 -25.48 -10.15 -14.31
CA LYS A 145 -25.99 -11.51 -14.32
C LYS A 145 -24.99 -12.54 -14.09
N MET A 146 -24.29 -12.93 -15.16
CA MET A 146 -23.06 -13.61 -15.05
C MET A 146 -23.31 -15.09 -15.32
N VAL A 147 -24.57 -15.52 -15.50
CA VAL A 147 -25.17 -16.78 -15.04
C VAL A 147 -24.63 -17.10 -13.67
N VAL A 148 -24.64 -18.36 -13.24
CA VAL A 148 -23.74 -18.80 -12.19
C VAL A 148 -23.46 -20.26 -12.50
N VAL A 149 -22.20 -20.66 -12.55
CA VAL A 149 -21.87 -22.09 -12.69
C VAL A 149 -21.54 -22.68 -11.32
N VAL A 150 -22.12 -23.83 -11.04
CA VAL A 150 -21.88 -24.58 -9.81
C VAL A 150 -20.90 -25.68 -10.13
N ASN A 151 -19.62 -25.31 -10.09
CA ASN A 151 -18.51 -26.23 -10.30
C ASN A 151 -18.43 -27.29 -9.18
N LYS A 152 -17.50 -28.23 -9.34
CA LYS A 152 -17.11 -29.22 -8.31
C LYS A 152 -18.30 -30.13 -7.93
N MET A 153 -19.23 -30.27 -8.87
CA MET A 153 -20.45 -31.07 -8.79
C MET A 153 -20.20 -32.52 -9.26
N ASP A 154 -18.99 -33.06 -9.07
CA ASP A 154 -18.67 -34.48 -9.29
C ASP A 154 -17.69 -35.10 -8.26
N ASP A 155 -16.52 -34.48 -8.02
CA ASP A 155 -15.48 -34.96 -7.06
C ASP A 155 -15.98 -35.27 -5.61
N PRO A 156 -16.53 -34.29 -4.87
CA PRO A 156 -16.65 -34.27 -3.41
C PRO A 156 -17.07 -35.53 -2.64
N THR A 157 -18.12 -36.16 -3.19
CA THR A 157 -19.03 -37.23 -2.69
C THR A 157 -20.36 -37.16 -3.48
N VAL A 158 -20.47 -36.26 -4.46
CA VAL A 158 -21.68 -36.14 -5.28
C VAL A 158 -21.83 -37.35 -6.20
N ASN A 159 -20.73 -37.95 -6.72
CA ASN A 159 -20.80 -39.17 -7.54
C ASN A 159 -21.93 -39.11 -8.59
N TRP A 160 -22.14 -37.91 -9.15
CA TRP A 160 -23.21 -37.60 -10.09
C TRP A 160 -24.66 -37.73 -9.53
N SER A 161 -24.89 -37.38 -8.26
CA SER A 161 -26.22 -37.27 -7.62
C SER A 161 -27.03 -36.03 -8.08
N LYS A 162 -28.13 -35.69 -7.38
CA LYS A 162 -29.16 -34.71 -7.84
C LYS A 162 -29.59 -33.72 -6.74
N GLU A 163 -28.69 -33.48 -5.80
CA GLU A 163 -28.94 -32.73 -4.57
C GLU A 163 -27.90 -31.62 -4.45
N ARG A 164 -27.92 -30.82 -3.37
CA ARG A 164 -27.00 -29.68 -3.10
C ARG A 164 -27.09 -28.51 -4.08
N TYR A 165 -27.34 -28.74 -5.37
CA TYR A 165 -27.42 -27.72 -6.41
C TYR A 165 -28.45 -26.62 -6.07
N ASP A 166 -29.69 -27.01 -5.77
CA ASP A 166 -30.77 -26.08 -5.37
C ASP A 166 -30.50 -25.35 -4.03
N GLN A 167 -29.92 -26.07 -3.06
CA GLN A 167 -29.48 -25.48 -1.79
C GLN A 167 -28.48 -24.34 -2.01
N CYS A 168 -27.49 -24.54 -2.89
CA CYS A 168 -26.58 -23.48 -3.29
C CYS A 168 -27.26 -22.37 -4.10
N VAL A 169 -28.16 -22.70 -5.03
CA VAL A 169 -28.92 -21.69 -5.80
C VAL A 169 -29.64 -20.70 -4.88
N SER A 170 -30.26 -21.16 -3.78
CA SER A 170 -30.93 -20.28 -2.81
C SER A 170 -29.97 -19.29 -2.12
N ASN A 171 -28.85 -19.77 -1.57
CA ASN A 171 -27.86 -18.98 -0.85
C ASN A 171 -27.11 -18.00 -1.77
N VAL A 172 -26.73 -18.48 -2.96
CA VAL A 172 -26.09 -17.67 -4.00
C VAL A 172 -27.04 -16.60 -4.55
N SER A 173 -28.32 -16.91 -4.70
CA SER A 173 -29.33 -15.95 -5.16
C SER A 173 -29.76 -14.89 -4.13
N ASN A 174 -29.60 -15.11 -2.82
CA ASN A 174 -29.67 -14.00 -1.85
C ASN A 174 -28.39 -13.15 -1.83
N PHE A 175 -27.26 -13.74 -2.23
CA PHE A 175 -25.96 -13.08 -2.29
C PHE A 175 -25.80 -12.18 -3.53
N LEU A 176 -26.52 -12.45 -4.63
CA LEU A 176 -26.59 -11.57 -5.80
C LEU A 176 -27.60 -10.41 -5.61
N ARG A 177 -28.74 -10.61 -4.92
CA ARG A 177 -29.68 -9.50 -4.62
C ARG A 177 -29.11 -8.45 -3.67
N ALA A 178 -28.12 -8.84 -2.85
CA ALA A 178 -27.48 -7.93 -1.91
C ALA A 178 -26.92 -6.70 -2.63
N ILE A 179 -26.68 -5.60 -1.89
CA ILE A 179 -26.23 -4.28 -2.40
C ILE A 179 -27.39 -3.53 -3.07
N GLY A 180 -28.15 -4.19 -3.95
CA GLY A 180 -29.31 -3.62 -4.64
C GLY A 180 -29.03 -3.44 -6.12
N TYR A 181 -29.37 -4.47 -6.90
CA TYR A 181 -28.92 -4.63 -8.29
C TYR A 181 -30.06 -4.53 -9.29
N ASN A 182 -30.60 -5.67 -9.69
CA ASN A 182 -31.72 -5.87 -10.61
C ASN A 182 -32.45 -7.15 -10.12
N ILE A 183 -33.32 -7.69 -10.96
CA ILE A 183 -34.22 -8.82 -10.67
C ILE A 183 -33.50 -10.19 -10.76
N LYS A 184 -34.11 -11.16 -11.45
CA LYS A 184 -33.74 -12.58 -11.55
C LYS A 184 -33.96 -13.19 -12.94
N THR A 185 -34.50 -12.42 -13.89
CA THR A 185 -34.48 -12.74 -15.33
C THR A 185 -33.06 -12.85 -15.88
N ASP A 186 -32.28 -11.92 -15.31
CA ASP A 186 -30.87 -12.07 -15.26
C ASP A 186 -30.38 -12.55 -13.88
N VAL A 187 -30.70 -13.84 -13.45
CA VAL A 187 -29.86 -14.75 -12.64
C VAL A 187 -30.28 -16.23 -12.74
N VAL A 188 -30.13 -16.85 -13.93
CA VAL A 188 -30.02 -18.32 -14.12
C VAL A 188 -28.77 -18.93 -13.44
N PHE A 189 -28.72 -20.27 -13.44
CA PHE A 189 -27.60 -21.10 -13.02
C PHE A 189 -27.35 -22.21 -14.06
N MET A 190 -26.16 -22.82 -14.02
CA MET A 190 -25.77 -24.03 -14.76
C MET A 190 -24.94 -24.91 -13.82
N PRO A 191 -25.30 -26.18 -13.55
CA PRO A 191 -24.34 -27.11 -12.95
C PRO A 191 -23.21 -27.34 -13.95
N VAL A 192 -21.97 -27.37 -13.47
CA VAL A 192 -20.86 -27.82 -14.31
C VAL A 192 -20.04 -28.79 -13.49
N SER A 193 -19.21 -29.52 -14.20
CA SER A 193 -17.86 -29.66 -13.71
C SER A 193 -16.93 -29.02 -14.72
N GLY A 194 -16.02 -28.22 -14.19
CA GLY A 194 -14.71 -28.12 -14.79
C GLY A 194 -14.18 -29.50 -15.17
N TYR A 195 -14.35 -30.54 -14.31
CA TYR A 195 -13.76 -31.91 -14.38
C TYR A 195 -13.78 -32.57 -15.76
N SER A 196 -14.70 -32.16 -16.61
CA SER A 196 -15.21 -32.98 -17.70
C SER A 196 -15.61 -32.05 -18.82
N GLY A 197 -16.54 -31.14 -18.52
CA GLY A 197 -17.24 -30.31 -19.47
C GLY A 197 -18.69 -30.17 -19.02
N ALA A 198 -19.53 -29.75 -19.97
CA ALA A 198 -20.94 -29.35 -19.84
C ALA A 198 -21.00 -27.83 -19.63
N ASN A 199 -21.73 -27.14 -20.53
CA ASN A 199 -21.99 -25.69 -20.67
C ASN A 199 -21.96 -25.21 -22.13
N LEU A 200 -21.16 -25.88 -22.99
CA LEU A 200 -20.97 -25.54 -24.40
C LEU A 200 -21.92 -26.36 -25.30
N LYS A 201 -21.99 -27.67 -25.04
CA LYS A 201 -22.95 -28.62 -25.59
C LYS A 201 -23.60 -29.37 -24.43
N ASP A 202 -24.79 -29.88 -24.67
CA ASP A 202 -25.49 -30.88 -23.86
C ASP A 202 -25.20 -32.32 -24.31
N HIS A 203 -24.34 -32.53 -25.33
CA HIS A 203 -23.84 -33.83 -25.82
C HIS A 203 -22.88 -34.54 -24.84
N VAL A 204 -23.28 -34.59 -23.57
CA VAL A 204 -22.75 -35.46 -22.54
C VAL A 204 -23.93 -36.36 -22.15
N ASP A 205 -23.67 -37.52 -21.55
CA ASP A 205 -24.65 -38.39 -20.86
C ASP A 205 -24.47 -38.33 -19.33
N PRO A 206 -24.31 -37.11 -18.74
CA PRO A 206 -23.49 -36.87 -17.54
C PRO A 206 -23.97 -37.60 -16.29
N LYS A 207 -25.32 -37.58 -16.14
CA LYS A 207 -26.21 -37.85 -14.99
C LYS A 207 -27.02 -36.62 -14.55
N GLU A 208 -26.66 -35.38 -14.94
CA GLU A 208 -27.59 -34.24 -14.84
C GLU A 208 -28.74 -34.30 -15.87
N CYS A 209 -28.48 -34.77 -17.10
CA CYS A 209 -29.49 -34.81 -18.17
C CYS A 209 -30.74 -35.71 -17.92
N PRO A 210 -30.71 -36.80 -17.11
CA PRO A 210 -31.91 -37.47 -16.61
C PRO A 210 -32.94 -36.59 -15.86
N TRP A 211 -32.53 -35.48 -15.24
CA TRP A 211 -33.46 -34.59 -14.52
C TRP A 211 -33.51 -33.17 -15.08
N TYR A 212 -32.41 -32.69 -15.67
CA TYR A 212 -32.29 -31.33 -16.14
C TYR A 212 -32.76 -31.20 -17.59
N THR A 213 -33.87 -30.49 -17.80
CA THR A 213 -34.54 -30.29 -19.10
C THR A 213 -34.08 -29.02 -19.85
N GLY A 214 -33.40 -28.11 -19.16
CA GLY A 214 -33.23 -26.75 -19.66
C GLY A 214 -32.13 -26.62 -20.73
N PRO A 215 -32.05 -25.47 -21.41
CA PRO A 215 -30.90 -25.12 -22.24
C PRO A 215 -29.54 -25.26 -21.53
N THR A 216 -28.47 -25.31 -22.31
CA THR A 216 -27.10 -25.23 -21.79
C THR A 216 -26.71 -23.79 -21.39
N LEU A 217 -25.57 -23.60 -20.73
CA LEU A 217 -25.09 -22.28 -20.32
C LEU A 217 -25.06 -21.31 -21.49
N LEU A 218 -24.42 -21.71 -22.59
CA LEU A 218 -24.21 -20.84 -23.74
C LEU A 218 -25.53 -20.37 -24.35
N GLU A 219 -26.54 -21.24 -24.44
CA GLU A 219 -27.91 -20.85 -24.81
C GLU A 219 -28.56 -19.80 -23.88
N TYR A 220 -28.34 -19.86 -22.56
CA TYR A 220 -28.78 -18.81 -21.61
C TYR A 220 -27.96 -17.50 -21.65
N LEU A 221 -26.82 -17.50 -22.36
CA LEU A 221 -26.12 -16.31 -22.75
C LEU A 221 -26.63 -15.80 -24.06
N ASP A 222 -26.89 -16.72 -24.99
CA ASP A 222 -27.27 -16.44 -26.35
C ASP A 222 -28.69 -15.84 -26.52
N THR A 223 -29.53 -15.92 -25.46
CA THR A 223 -30.75 -15.11 -25.24
C THR A 223 -30.59 -13.59 -25.32
N MET A 224 -29.36 -13.06 -25.36
CA MET A 224 -29.11 -11.65 -25.66
C MET A 224 -29.38 -11.37 -27.15
N ASN A 225 -28.37 -10.85 -27.87
CA ASN A 225 -28.42 -10.59 -29.30
C ASN A 225 -26.99 -10.61 -29.87
N HIS A 226 -26.93 -10.47 -31.19
CA HIS A 226 -25.77 -10.12 -32.00
C HIS A 226 -26.00 -8.73 -32.67
N VAL A 227 -25.20 -8.39 -33.68
CA VAL A 227 -25.06 -7.21 -34.55
C VAL A 227 -24.48 -7.80 -35.87
N ASP A 228 -23.68 -7.07 -36.62
CA ASP A 228 -23.07 -7.55 -37.87
C ASP A 228 -21.74 -6.85 -38.18
N ARG A 229 -21.40 -6.71 -39.48
CA ARG A 229 -20.48 -5.73 -40.09
C ARG A 229 -19.89 -4.80 -39.05
N HIS A 230 -18.64 -5.04 -38.66
CA HIS A 230 -18.04 -4.13 -37.68
C HIS A 230 -18.17 -2.68 -38.12
N ILE A 231 -18.18 -1.81 -37.10
CA ILE A 231 -17.81 -0.38 -36.99
C ILE A 231 -18.91 0.38 -36.21
N ASN A 232 -19.61 -0.32 -35.30
CA ASN A 232 -20.90 0.11 -34.71
C ASN A 232 -20.77 1.31 -33.76
N ALA A 233 -20.60 1.08 -32.45
CA ALA A 233 -20.52 2.13 -31.45
C ALA A 233 -19.08 2.70 -31.36
N PRO A 234 -18.83 3.74 -30.54
CA PRO A 234 -17.51 4.36 -30.33
C PRO A 234 -16.37 3.37 -30.16
N PHE A 235 -15.16 3.71 -30.61
CA PHE A 235 -14.00 2.86 -30.39
C PHE A 235 -13.40 3.07 -28.99
N MET A 236 -13.10 1.98 -28.28
CA MET A 236 -12.38 1.95 -27.00
C MET A 236 -11.51 0.66 -26.91
N LEU A 237 -10.30 0.73 -26.31
CA LEU A 237 -9.32 -0.38 -26.15
C LEU A 237 -8.55 -0.29 -24.82
N PRO A 238 -8.91 -1.08 -23.80
CA PRO A 238 -8.14 -1.24 -22.57
C PRO A 238 -6.89 -2.09 -22.78
N ILE A 239 -5.79 -1.60 -22.20
CA ILE A 239 -4.49 -2.27 -22.16
C ILE A 239 -4.44 -3.27 -21.00
N ALA A 240 -4.29 -4.55 -21.33
CA ALA A 240 -3.92 -5.61 -20.39
C ALA A 240 -2.42 -5.62 -20.07
N ALA A 241 -1.58 -5.43 -21.08
CA ALA A 241 -0.13 -5.43 -20.94
C ALA A 241 0.55 -4.57 -22.03
N LYS A 242 1.84 -4.23 -21.78
CA LYS A 242 2.69 -3.63 -22.75
C LYS A 242 4.09 -4.21 -22.63
N MET A 243 4.81 -4.30 -23.78
CA MET A 243 6.23 -4.57 -23.88
C MET A 243 6.62 -3.99 -25.22
N LYS A 244 7.91 -3.97 -25.64
CA LYS A 244 8.32 -3.45 -26.94
C LYS A 244 9.22 -4.39 -27.70
N ASP A 245 9.15 -4.26 -29.07
CA ASP A 245 9.95 -4.92 -30.10
C ASP A 245 10.52 -3.81 -31.04
N LEU A 246 10.27 -3.89 -32.36
CA LEU A 246 10.46 -2.79 -33.34
C LEU A 246 9.69 -1.53 -32.96
N GLY A 247 8.41 -1.74 -32.67
CA GLY A 247 7.51 -0.75 -32.14
C GLY A 247 7.01 -1.30 -30.82
N THR A 248 6.35 -0.47 -30.02
CA THR A 248 5.74 -1.01 -28.83
C THR A 248 4.68 -2.06 -29.19
N ILE A 249 4.56 -3.16 -28.42
CA ILE A 249 3.45 -4.06 -28.49
C ILE A 249 2.54 -3.78 -27.33
N VAL A 250 1.22 -3.76 -27.56
CA VAL A 250 0.22 -3.75 -26.49
C VAL A 250 -0.75 -4.88 -26.70
N GLU A 251 -1.29 -5.34 -25.59
CA GLU A 251 -2.25 -6.41 -25.54
C GLU A 251 -3.46 -5.88 -24.83
N GLY A 252 -4.64 -6.33 -25.25
CA GLY A 252 -5.85 -5.90 -24.57
C GLY A 252 -7.08 -6.04 -25.42
N LYS A 253 -8.21 -6.02 -24.71
CA LYS A 253 -9.49 -6.18 -25.37
C LYS A 253 -9.90 -4.88 -26.05
N ILE A 254 -10.82 -4.97 -27.01
CA ILE A 254 -11.50 -3.77 -27.51
C ILE A 254 -12.96 -3.76 -27.04
N GLU A 255 -13.34 -2.64 -26.41
CA GLU A 255 -14.56 -2.40 -25.60
C GLU A 255 -15.81 -2.12 -26.41
N SER A 256 -15.60 -1.42 -27.51
CA SER A 256 -16.59 -0.99 -28.48
C SER A 256 -15.82 -0.49 -29.72
N GLY A 257 -16.48 -0.36 -30.86
CA GLY A 257 -15.90 0.19 -32.10
C GLY A 257 -14.58 -0.46 -32.57
N HIS A 258 -13.92 0.14 -33.58
CA HIS A 258 -13.05 -0.56 -34.58
C HIS A 258 -11.61 -0.06 -34.65
N ILE A 259 -10.75 -1.08 -34.78
CA ILE A 259 -9.35 -0.97 -35.17
C ILE A 259 -9.06 -1.77 -36.44
N LYS A 260 -8.54 -1.04 -37.43
CA LYS A 260 -7.89 -1.57 -38.63
C LYS A 260 -6.40 -1.27 -38.46
N LYS A 261 -5.49 -1.90 -39.21
CA LYS A 261 -4.12 -1.37 -39.33
C LYS A 261 -4.10 0.05 -39.93
N GLY A 262 -3.08 0.85 -39.62
CA GLY A 262 -2.89 2.19 -40.18
C GLY A 262 -4.00 3.21 -39.88
N GLN A 263 -4.71 3.05 -38.76
CA GLN A 263 -5.45 4.18 -38.16
C GLN A 263 -4.58 4.86 -37.09
N SER A 264 -4.93 6.10 -36.72
CA SER A 264 -4.47 6.67 -35.46
C SER A 264 -5.32 6.14 -34.31
N THR A 265 -4.69 5.95 -33.16
CA THR A 265 -5.30 5.68 -31.86
C THR A 265 -4.75 6.73 -30.87
N LEU A 266 -5.60 7.27 -30.01
CA LEU A 266 -5.23 8.28 -29.00
C LEU A 266 -5.27 7.63 -27.62
N LEU A 267 -4.22 7.89 -26.82
CA LEU A 267 -4.22 7.60 -25.39
C LEU A 267 -4.36 8.91 -24.60
N MET A 268 -5.57 9.16 -24.09
CA MET A 268 -5.82 10.36 -23.29
C MET A 268 -4.94 10.50 -22.02
N PRO A 269 -4.82 9.49 -21.12
CA PRO A 269 -4.01 9.60 -19.90
C PRO A 269 -2.62 10.22 -20.10
N ASN A 270 -1.89 9.71 -21.08
CA ASN A 270 -0.58 10.22 -21.45
C ASN A 270 -0.64 11.58 -22.15
N LYS A 271 -1.56 11.69 -23.13
CA LYS A 271 -1.89 12.83 -24.02
C LYS A 271 -1.24 12.66 -25.40
N THR A 272 -0.80 11.45 -25.73
CA THR A 272 -0.13 11.06 -26.98
C THR A 272 -1.05 10.25 -27.89
N ALA A 273 -0.61 10.05 -29.12
CA ALA A 273 -1.27 9.22 -30.12
C ALA A 273 -0.24 8.34 -30.84
N VAL A 274 -0.72 7.37 -31.61
CA VAL A 274 0.14 6.53 -32.44
C VAL A 274 -0.62 5.96 -33.63
N GLU A 275 0.11 5.56 -34.68
CA GLU A 275 -0.38 4.62 -35.69
C GLU A 275 -0.14 3.17 -35.22
N ILE A 276 -1.16 2.31 -35.33
CA ILE A 276 -0.97 0.85 -35.19
C ILE A 276 -0.40 0.21 -36.48
N GLN A 277 0.82 -0.31 -36.39
CA GLN A 277 1.57 -1.00 -37.45
C GLN A 277 0.97 -2.35 -37.85
N ASN A 278 0.37 -3.05 -36.90
CA ASN A 278 -0.33 -4.30 -37.15
C ASN A 278 -1.45 -4.46 -36.13
N ILE A 279 -2.30 -5.43 -36.42
CA ILE A 279 -3.30 -5.98 -35.53
C ILE A 279 -3.19 -7.50 -35.69
N TYR A 280 -3.06 -8.16 -34.57
CA TYR A 280 -3.39 -9.56 -34.46
C TYR A 280 -4.81 -9.56 -33.94
N ASN A 281 -5.66 -10.37 -34.53
CA ASN A 281 -6.95 -10.71 -33.96
C ASN A 281 -6.78 -11.44 -32.59
N GLU A 282 -7.41 -12.59 -32.46
CA GLU A 282 -7.41 -13.45 -31.30
C GLU A 282 -7.40 -14.93 -31.69
N THR A 283 -8.10 -15.31 -32.77
CA THR A 283 -8.09 -16.66 -33.35
C THR A 283 -7.02 -16.82 -34.45
N GLU A 284 -7.14 -17.83 -35.33
CA GLU A 284 -6.45 -17.91 -36.63
C GLU A 284 -6.28 -16.51 -37.27
N ASN A 285 -5.05 -15.99 -37.29
CA ASN A 285 -4.73 -14.66 -37.80
C ASN A 285 -4.14 -14.74 -39.22
N GLU A 286 -4.54 -13.81 -40.08
CA GLU A 286 -4.00 -13.76 -41.46
C GLU A 286 -3.78 -12.31 -41.99
N VAL A 287 -4.04 -11.27 -41.16
CA VAL A 287 -3.80 -9.80 -41.33
C VAL A 287 -5.09 -8.96 -41.26
N ASP A 288 -6.19 -9.59 -40.83
CA ASP A 288 -7.56 -9.10 -40.86
C ASP A 288 -7.96 -8.09 -39.77
N MET A 289 -9.21 -7.60 -39.82
CA MET A 289 -9.74 -6.62 -38.86
C MET A 289 -10.38 -7.21 -37.59
N ALA A 290 -10.41 -6.39 -36.54
CA ALA A 290 -11.10 -6.74 -35.30
C ALA A 290 -12.26 -5.79 -34.88
N MET A 291 -12.87 -6.11 -33.68
CA MET A 291 -14.20 -5.96 -33.12
C MET A 291 -14.07 -5.88 -31.73
N CYS A 292 -14.95 -5.05 -31.10
CA CYS A 292 -15.11 -5.10 -29.66
C CYS A 292 -15.37 -6.56 -29.32
N GLY A 293 -14.63 -7.17 -28.42
CA GLY A 293 -14.95 -8.53 -28.00
C GLY A 293 -13.95 -9.62 -28.36
N GLU A 294 -13.24 -9.49 -29.49
CA GLU A 294 -11.86 -10.00 -29.46
C GLU A 294 -10.97 -8.96 -28.80
N GLN A 295 -9.85 -9.45 -28.33
CA GLN A 295 -8.61 -8.72 -28.29
C GLN A 295 -8.15 -8.28 -29.63
N VAL A 296 -7.06 -7.56 -29.48
CA VAL A 296 -6.03 -7.33 -30.44
C VAL A 296 -4.68 -7.35 -29.70
N LYS A 297 -3.72 -8.19 -30.13
CA LYS A 297 -2.32 -7.75 -29.94
C LYS A 297 -2.13 -6.65 -30.99
N LEU A 298 -1.55 -5.52 -30.64
CA LEU A 298 -1.23 -4.49 -31.64
C LEU A 298 0.24 -4.14 -31.54
N ARG A 299 0.74 -3.64 -32.66
CA ARG A 299 2.02 -2.97 -32.73
C ARG A 299 1.78 -1.49 -32.94
N ILE A 300 2.61 -0.66 -32.33
CA ILE A 300 2.43 0.78 -32.16
C ILE A 300 3.69 1.44 -32.74
N LYS A 301 3.54 2.29 -33.77
CA LYS A 301 4.67 2.87 -34.52
C LYS A 301 5.48 3.85 -33.67
N GLY A 302 4.88 5.02 -33.42
CA GLY A 302 5.56 6.28 -33.09
C GLY A 302 5.05 6.85 -31.77
N VAL A 303 5.36 6.13 -30.69
CA VAL A 303 5.13 6.50 -29.29
C VAL A 303 6.16 5.74 -28.46
N GLU A 304 6.38 6.15 -27.22
CA GLU A 304 7.34 5.45 -26.36
C GLU A 304 6.70 4.33 -25.53
N GLU A 305 7.55 3.49 -24.91
CA GLU A 305 7.09 2.42 -24.03
C GLU A 305 6.29 2.98 -22.84
N GLU A 306 6.94 3.90 -22.13
CA GLU A 306 6.53 4.61 -20.92
C GLU A 306 5.18 5.31 -21.08
N ASP A 307 4.88 5.74 -22.31
CA ASP A 307 3.71 6.54 -22.60
C ASP A 307 2.39 5.82 -22.31
N ILE A 308 2.34 4.49 -22.39
CA ILE A 308 1.12 3.75 -22.08
C ILE A 308 1.46 2.79 -20.93
N SER A 309 0.50 2.58 -20.03
CA SER A 309 0.53 1.58 -18.97
C SER A 309 -0.79 0.78 -18.98
N PRO A 310 -0.80 -0.48 -18.52
CA PRO A 310 -2.03 -1.25 -18.32
C PRO A 310 -3.13 -0.50 -17.54
N GLY A 311 -4.38 -0.82 -17.85
CA GLY A 311 -5.55 -0.16 -17.26
C GLY A 311 -5.97 1.14 -17.94
N PHE A 312 -5.09 1.76 -18.75
CA PHE A 312 -5.49 2.82 -19.67
C PHE A 312 -6.37 2.31 -20.81
N VAL A 313 -7.08 3.24 -21.46
CA VAL A 313 -7.98 2.98 -22.59
C VAL A 313 -7.63 3.90 -23.74
N LEU A 314 -7.49 3.33 -24.93
CA LEU A 314 -7.25 4.05 -26.17
C LEU A 314 -8.60 4.26 -26.87
N THR A 315 -8.72 5.33 -27.63
CA THR A 315 -9.91 5.66 -28.42
C THR A 315 -9.51 6.41 -29.68
N SER A 316 -10.46 6.82 -30.51
CA SER A 316 -10.19 7.83 -31.53
C SER A 316 -10.41 9.23 -30.92
N PRO A 317 -9.70 10.28 -31.36
CA PRO A 317 -10.18 11.65 -31.21
C PRO A 317 -11.60 11.79 -31.84
N LYS A 318 -12.63 11.63 -30.99
CA LYS A 318 -14.08 11.41 -31.21
C LYS A 318 -14.61 10.41 -30.15
N ASN A 319 -15.41 10.92 -29.22
CA ASN A 319 -15.95 10.23 -28.03
C ASN A 319 -14.90 9.87 -26.93
N PRO A 320 -14.08 10.84 -26.46
CA PRO A 320 -12.99 10.62 -25.49
C PRO A 320 -13.36 11.12 -24.09
N ILE A 321 -12.42 11.21 -23.14
CA ILE A 321 -12.70 11.67 -21.76
C ILE A 321 -11.45 12.17 -20.99
N LYS A 322 -11.47 12.53 -19.68
CA LYS A 322 -10.31 13.09 -18.93
C LYS A 322 -10.37 12.86 -17.40
N SER A 323 -9.38 13.36 -16.63
CA SER A 323 -9.03 12.88 -15.26
C SER A 323 -7.85 13.58 -14.54
N VAL A 324 -7.74 13.47 -13.18
CA VAL A 324 -6.78 14.20 -12.28
C VAL A 324 -6.47 13.46 -10.94
N THR A 325 -5.44 13.94 -10.21
CA THR A 325 -4.87 13.68 -8.85
C THR A 325 -5.86 13.52 -7.66
N LYS A 326 -5.51 13.99 -6.44
CA LYS A 326 -6.41 13.95 -5.28
C LYS A 326 -7.76 14.53 -5.64
N PHE A 327 -8.76 14.27 -4.82
CA PHE A 327 -10.09 14.74 -5.17
C PHE A 327 -11.03 14.83 -4.01
N VAL A 328 -12.13 15.55 -4.19
CA VAL A 328 -13.24 15.53 -3.24
C VAL A 328 -14.30 14.56 -3.70
N ALA A 329 -14.93 13.88 -2.75
CA ALA A 329 -16.03 12.96 -3.02
C ALA A 329 -17.12 13.07 -1.97
N GLN A 330 -18.33 12.71 -2.38
CA GLN A 330 -19.43 12.41 -1.48
C GLN A 330 -19.54 10.89 -1.36
N ILE A 331 -18.97 10.32 -0.30
CA ILE A 331 -19.00 8.88 -0.02
C ILE A 331 -20.06 8.56 1.05
N ALA A 332 -20.75 7.45 0.86
CA ALA A 332 -21.82 6.91 1.69
C ALA A 332 -21.32 5.63 2.32
N ILE A 333 -21.15 5.65 3.64
CA ILE A 333 -20.68 4.50 4.38
C ILE A 333 -21.86 3.65 4.87
N VAL A 334 -21.68 2.34 4.87
CA VAL A 334 -22.71 1.37 5.26
C VAL A 334 -22.74 1.21 6.79
N GLU A 335 -23.37 0.15 7.32
CA GLU A 335 -23.01 -0.28 8.68
C GLU A 335 -21.65 -0.99 8.60
N LEU A 336 -20.66 -0.50 9.35
CA LEU A 336 -19.43 -1.23 9.67
C LEU A 336 -19.14 -1.06 11.16
N LYS A 337 -18.40 -2.02 11.72
CA LYS A 337 -17.89 -1.85 13.08
C LYS A 337 -16.86 -0.72 13.22
N SER A 338 -15.87 -0.67 12.33
CA SER A 338 -14.93 0.44 12.30
C SER A 338 -15.57 1.72 11.73
N ILE A 339 -15.17 2.84 12.31
CA ILE A 339 -15.42 4.19 11.79
C ILE A 339 -14.21 4.64 11.00
N ILE A 340 -14.45 5.33 9.88
CA ILE A 340 -13.35 6.09 9.25
C ILE A 340 -13.07 7.38 10.05
N ALA A 341 -11.91 7.45 10.68
CA ALA A 341 -11.31 8.69 11.17
C ALA A 341 -10.78 9.57 10.00
N ALA A 342 -10.60 10.88 10.26
CA ALA A 342 -9.96 11.72 9.30
C ALA A 342 -8.57 11.17 9.11
N GLY A 343 -8.14 10.98 7.83
CA GLY A 343 -6.89 10.50 7.25
C GLY A 343 -6.74 9.07 6.99
N PHE A 344 -7.65 8.25 7.52
CA PHE A 344 -7.51 6.82 7.61
C PHE A 344 -7.12 6.22 6.28
N SER A 345 -6.33 5.14 6.28
CA SER A 345 -6.08 4.48 5.00
C SER A 345 -7.13 3.41 4.71
N CYS A 346 -7.84 3.57 3.60
CA CYS A 346 -8.65 2.49 3.03
C CYS A 346 -7.92 1.98 1.79
N VAL A 347 -8.43 0.89 1.20
CA VAL A 347 -8.20 0.61 -0.22
C VAL A 347 -9.37 1.15 -1.06
N MET A 348 -9.09 2.03 -2.01
CA MET A 348 -10.06 2.40 -3.04
C MET A 348 -10.16 1.28 -4.08
N HIS A 349 -11.33 1.17 -4.71
CA HIS A 349 -11.56 0.30 -5.85
C HIS A 349 -12.40 1.07 -6.86
N VAL A 350 -11.71 1.82 -7.75
CA VAL A 350 -12.37 2.49 -8.83
C VAL A 350 -12.60 1.38 -9.78
N HIS A 351 -11.50 1.05 -10.47
CA HIS A 351 -11.54 0.40 -11.73
C HIS A 351 -10.61 -0.76 -11.64
N THR A 352 -9.70 -0.90 -12.63
CA THR A 352 -8.52 -1.75 -12.57
C THR A 352 -7.73 -1.36 -11.34
N ALA A 353 -7.72 -0.09 -11.09
CA ALA A 353 -7.02 0.47 -9.95
C ALA A 353 -7.70 0.08 -8.62
N ILE A 354 -7.02 -0.81 -7.89
CA ILE A 354 -7.09 -0.91 -6.43
C ILE A 354 -5.81 -0.28 -5.93
N GLU A 355 -5.92 0.69 -5.05
CA GLU A 355 -4.79 1.38 -4.47
C GLU A 355 -5.12 1.82 -3.05
N GLU A 356 -4.09 1.91 -2.22
CA GLU A 356 -4.20 2.53 -0.91
C GLU A 356 -4.54 4.01 -1.06
N VAL A 357 -5.50 4.48 -0.27
CA VAL A 357 -5.98 5.86 -0.28
C VAL A 357 -6.01 6.36 1.16
N HIS A 358 -5.43 7.53 1.43
CA HIS A 358 -5.72 8.27 2.66
C HIS A 358 -6.94 9.14 2.43
N ILE A 359 -7.99 8.90 3.21
CA ILE A 359 -9.09 9.88 3.38
C ILE A 359 -8.70 10.97 4.38
N VAL A 360 -7.62 11.71 4.05
CA VAL A 360 -7.13 12.88 4.79
C VAL A 360 -8.28 13.82 5.10
N LYS A 361 -8.39 14.32 6.34
CA LYS A 361 -9.50 15.13 6.92
C LYS A 361 -10.89 14.48 6.94
N LEU A 362 -11.88 15.19 7.48
CA LEU A 362 -13.32 15.01 7.16
C LEU A 362 -13.98 16.39 7.08
N LEU A 363 -14.27 16.86 5.86
CA LEU A 363 -14.62 18.27 5.63
C LEU A 363 -16.04 18.61 6.12
N HIS A 364 -17.04 17.75 5.85
CA HIS A 364 -18.37 17.80 6.47
C HIS A 364 -18.96 16.39 6.54
N LYS A 365 -19.77 16.12 7.56
CA LYS A 365 -20.55 14.90 7.80
C LYS A 365 -21.97 15.08 7.22
N LEU A 366 -23.03 14.86 8.01
CA LEU A 366 -24.41 15.29 7.71
C LEU A 366 -24.48 16.81 7.43
N GLU A 367 -23.73 17.58 8.21
CA GLU A 367 -23.53 19.03 8.00
C GLU A 367 -22.45 19.61 8.95
N LYS A 368 -21.77 18.72 9.71
CA LYS A 368 -20.89 19.07 10.83
C LYS A 368 -19.46 18.53 10.61
N GLY A 369 -18.48 19.06 11.31
CA GLY A 369 -17.15 18.45 11.42
C GLY A 369 -17.11 17.44 12.57
N THR A 370 -16.96 16.16 12.23
CA THR A 370 -16.91 15.02 13.17
C THR A 370 -16.26 13.84 12.44
N ASN A 371 -15.79 12.80 13.14
CA ASN A 371 -15.46 11.51 12.50
C ASN A 371 -16.65 10.91 11.71
N ARG A 372 -16.36 10.03 10.75
CA ARG A 372 -17.33 9.47 9.79
C ARG A 372 -18.26 8.42 10.40
N LYS A 373 -19.06 8.76 11.43
CA LYS A 373 -19.97 7.80 12.05
C LYS A 373 -20.90 7.24 10.98
N SER A 374 -21.71 8.15 10.41
CA SER A 374 -22.85 7.98 9.52
C SER A 374 -23.18 6.54 9.07
N LYS A 375 -23.46 5.65 10.03
CA LYS A 375 -23.77 4.25 9.76
C LYS A 375 -25.20 4.21 9.24
N LYS A 376 -25.33 4.08 7.91
CA LYS A 376 -26.52 4.47 7.11
C LYS A 376 -26.51 5.99 6.83
N PRO A 377 -25.98 6.41 5.65
CA PRO A 377 -25.04 7.53 5.63
C PRO A 377 -25.57 8.99 5.62
N PRO A 378 -26.47 9.43 4.72
CA PRO A 378 -26.68 10.86 4.52
C PRO A 378 -27.16 11.62 5.76
N ALA A 379 -27.10 12.95 5.70
CA ALA A 379 -28.11 13.76 6.36
C ALA A 379 -29.49 13.20 6.00
N PHE A 380 -30.26 12.73 6.99
CA PHE A 380 -31.60 12.21 6.72
C PHE A 380 -32.52 13.31 6.16
N ALA A 381 -32.26 14.55 6.58
CA ALA A 381 -32.80 15.78 6.01
C ALA A 381 -32.32 16.05 4.56
N LYS A 382 -32.68 17.23 4.04
CA LYS A 382 -32.82 17.52 2.60
C LYS A 382 -31.70 17.01 1.67
N LYS A 383 -30.55 17.69 1.59
CA LYS A 383 -29.49 17.34 0.63
C LYS A 383 -28.58 16.29 1.25
N GLY A 384 -28.60 15.07 0.73
CA GLY A 384 -27.89 13.91 1.30
C GLY A 384 -26.35 14.01 1.44
N MET A 385 -25.87 14.63 2.53
CA MET A 385 -24.46 14.76 2.90
C MET A 385 -24.00 13.58 3.77
N LYS A 386 -23.89 12.45 3.11
CA LYS A 386 -23.31 11.18 3.56
C LYS A 386 -22.01 11.34 4.36
N VAL A 387 -21.07 11.95 3.68
CA VAL A 387 -19.97 12.78 4.14
C VAL A 387 -19.51 13.54 2.89
N ILE A 388 -18.70 14.56 3.05
CA ILE A 388 -17.86 15.10 1.97
C ILE A 388 -16.41 14.96 2.44
N ALA A 389 -15.64 14.29 1.62
CA ALA A 389 -14.27 13.92 1.88
C ALA A 389 -13.35 14.36 0.75
N VAL A 390 -12.07 14.22 1.02
CA VAL A 390 -10.92 14.43 0.15
C VAL A 390 -10.15 13.12 0.28
N LEU A 391 -9.81 12.55 -0.87
CA LEU A 391 -9.12 11.28 -1.01
C LEU A 391 -7.80 11.59 -1.72
N GLU A 392 -6.72 10.99 -1.23
CA GLU A 392 -5.34 11.14 -1.67
C GLU A 392 -4.71 9.76 -1.76
N THR A 393 -3.85 9.55 -2.75
CA THR A 393 -3.37 8.25 -3.24
C THR A 393 -1.87 8.39 -3.54
N GLU A 394 -1.11 7.31 -3.75
CA GLU A 394 0.35 7.38 -3.84
C GLU A 394 0.85 8.12 -5.10
N ALA A 395 0.31 7.74 -6.27
CA ALA A 395 0.59 8.39 -7.54
C ALA A 395 -0.70 9.04 -8.09
N PRO A 396 -0.65 10.13 -8.88
CA PRO A 396 -1.82 10.64 -9.57
C PRO A 396 -2.55 9.56 -10.39
N VAL A 397 -3.82 9.29 -10.06
CA VAL A 397 -4.64 8.28 -10.75
C VAL A 397 -5.64 8.95 -11.66
N CYS A 398 -5.73 8.44 -12.89
CA CYS A 398 -6.72 8.85 -13.89
C CYS A 398 -8.21 8.64 -13.43
N VAL A 399 -8.82 9.66 -12.79
CA VAL A 399 -10.25 9.72 -12.38
C VAL A 399 -10.98 11.01 -12.82
N GLU A 400 -12.22 10.92 -13.31
CA GLU A 400 -13.14 12.07 -13.58
C GLU A 400 -14.32 12.10 -12.61
N THR A 401 -14.98 13.26 -12.51
CA THR A 401 -16.34 13.38 -11.96
C THR A 401 -17.33 12.31 -12.48
N TYR A 402 -18.13 11.82 -11.55
CA TYR A 402 -19.33 11.02 -11.84
C TYR A 402 -20.40 11.76 -12.68
N GLN A 403 -20.36 13.10 -12.67
CA GLN A 403 -21.40 13.91 -13.33
C GLN A 403 -21.29 13.83 -14.85
N ASP A 404 -20.06 13.84 -15.37
CA ASP A 404 -19.78 13.64 -16.79
C ASP A 404 -20.14 12.19 -17.19
N TYR A 405 -19.68 11.21 -16.38
CA TYR A 405 -20.13 9.82 -16.48
C TYR A 405 -19.88 9.07 -15.17
N PRO A 406 -20.79 8.15 -14.80
CA PRO A 406 -20.78 7.52 -13.49
C PRO A 406 -19.70 6.45 -13.33
N GLN A 407 -19.00 6.07 -14.42
CA GLN A 407 -18.05 4.97 -14.41
C GLN A 407 -16.86 5.29 -13.51
N LEU A 408 -16.01 6.13 -14.06
CA LEU A 408 -14.72 6.53 -13.53
C LEU A 408 -14.93 7.31 -12.23
N GLY A 409 -16.09 7.95 -12.15
CA GLY A 409 -16.50 8.71 -10.99
C GLY A 409 -17.04 7.93 -9.79
N ARG A 410 -17.44 6.64 -9.91
CA ARG A 410 -17.77 5.82 -8.72
C ARG A 410 -16.62 4.90 -8.36
N PHE A 411 -16.61 4.55 -7.08
CA PHE A 411 -15.63 3.67 -6.47
C PHE A 411 -16.17 3.15 -5.14
N THR A 412 -15.66 2.02 -4.68
CA THR A 412 -15.88 1.55 -3.30
C THR A 412 -14.64 1.79 -2.45
N LEU A 413 -14.85 1.81 -1.13
CA LEU A 413 -13.84 1.81 -0.09
C LEU A 413 -14.09 0.54 0.72
N ARG A 414 -13.00 -0.07 1.16
CA ARG A 414 -12.99 -1.11 2.18
C ARG A 414 -11.74 -0.92 3.03
N ASP A 415 -11.93 -1.11 4.33
CA ASP A 415 -10.87 -0.89 5.31
C ASP A 415 -9.92 -2.11 5.26
N GLN A 416 -10.23 -3.12 6.07
CA GLN A 416 -9.59 -4.44 6.00
C GLN A 416 -9.96 -5.22 4.73
N GLY A 417 -11.23 -5.16 4.33
CA GLY A 417 -11.86 -6.25 3.57
C GLY A 417 -13.38 -6.32 3.73
N THR A 418 -13.94 -5.65 4.73
CA THR A 418 -15.35 -5.25 4.76
C THR A 418 -15.53 -3.91 4.04
N THR A 419 -16.49 -3.81 3.10
CA THR A 419 -16.69 -2.59 2.30
C THR A 419 -17.34 -1.48 3.11
N ILE A 420 -16.55 -0.52 3.56
CA ILE A 420 -17.04 0.57 4.39
C ILE A 420 -17.95 1.53 3.64
N ALA A 421 -17.66 1.86 2.39
CA ALA A 421 -18.33 2.95 1.72
C ALA A 421 -18.34 2.83 0.20
N ILE A 422 -19.16 3.64 -0.44
CA ILE A 422 -19.15 3.89 -1.88
C ILE A 422 -19.40 5.37 -2.07
N GLY A 423 -18.82 6.00 -3.08
CA GLY A 423 -19.22 7.36 -3.42
C GLY A 423 -18.99 7.76 -4.85
N LYS A 424 -19.18 9.06 -5.05
CA LYS A 424 -18.88 9.74 -6.30
C LYS A 424 -17.87 10.85 -6.04
N ILE A 425 -16.88 10.99 -6.90
CA ILE A 425 -16.03 12.20 -7.01
C ILE A 425 -16.86 13.40 -7.50
N VAL A 426 -16.84 14.48 -6.71
CA VAL A 426 -17.53 15.75 -6.99
C VAL A 426 -16.64 16.72 -7.73
N LYS A 427 -15.40 16.90 -7.28
CA LYS A 427 -14.47 17.86 -7.86
C LYS A 427 -13.06 17.29 -7.80
N ILE A 428 -12.35 17.72 -8.82
CA ILE A 428 -10.98 17.48 -9.19
C ILE A 428 -10.14 18.54 -8.48
N ALA A 429 -8.97 18.18 -7.95
CA ALA A 429 -7.94 19.13 -7.53
C ALA A 429 -6.56 18.49 -7.74
N GLU A 430 -5.56 19.32 -7.98
CA GLU A 430 -4.14 18.97 -7.86
C GLU A 430 -3.72 18.54 -6.44
N MET B 1 8.33 -3.22 31.28
CA MET B 1 7.98 -3.42 29.87
C MET B 1 8.99 -2.62 29.06
N ASP B 2 9.01 -2.75 27.78
CA ASP B 2 9.75 -1.80 26.89
C ASP B 2 8.96 -0.49 26.92
N ASN B 3 9.74 0.58 26.89
CA ASN B 3 9.18 1.85 26.92
C ASN B 3 9.60 1.97 25.53
N GLU B 4 8.63 2.18 24.67
CA GLU B 4 8.98 2.39 23.34
C GLU B 4 8.09 3.48 23.16
N VAL B 5 8.45 4.31 22.20
CA VAL B 5 7.80 5.54 22.05
C VAL B 5 8.08 6.49 23.31
N GLU B 6 8.29 6.05 24.62
CA GLU B 6 8.58 6.96 25.79
C GLU B 6 9.93 7.53 25.57
N LYS B 7 10.77 6.65 24.99
CA LYS B 7 12.13 6.82 24.65
C LYS B 7 12.25 7.99 23.70
N ASN B 8 11.27 8.19 22.78
CA ASN B 8 11.33 9.08 21.62
C ASN B 8 11.39 10.61 21.82
N ILE B 9 11.01 11.25 22.98
CA ILE B 9 11.49 12.58 23.34
C ILE B 9 12.99 12.51 23.67
N GLU B 10 13.45 11.47 24.39
CA GLU B 10 14.79 11.42 24.76
C GLU B 10 15.81 11.31 23.65
N ILE B 11 15.48 10.48 22.63
CA ILE B 11 16.30 10.21 21.45
C ILE B 11 16.53 11.42 20.64
N TRP B 12 15.44 12.14 20.51
CA TRP B 12 15.22 13.40 19.91
C TRP B 12 16.11 14.48 20.48
N LYS B 13 16.23 14.56 21.84
CA LYS B 13 16.91 15.57 22.59
C LYS B 13 18.40 15.65 22.27
N VAL B 14 19.03 14.46 22.16
CA VAL B 14 20.42 14.08 21.89
C VAL B 14 20.92 14.67 20.58
N LYS B 15 20.06 14.55 19.64
CA LYS B 15 19.95 14.91 18.31
C LYS B 15 20.06 16.39 18.02
N LYS B 16 19.54 17.24 18.91
CA LYS B 16 19.94 18.60 18.69
C LYS B 16 21.44 18.80 18.83
N LEU B 17 21.86 18.24 19.90
CA LEU B 17 23.12 18.27 20.46
C LEU B 17 24.13 17.63 19.53
N VAL B 18 23.77 16.48 18.92
CA VAL B 18 24.55 16.00 17.79
C VAL B 18 24.62 16.95 16.58
N GLN B 19 23.53 17.56 16.14
CA GLN B 19 23.70 18.51 15.07
C GLN B 19 24.41 19.77 15.41
N SER B 20 24.14 20.37 16.59
CA SER B 20 24.72 21.61 17.07
C SER B 20 26.18 21.47 17.38
N LEU B 21 26.60 20.27 17.90
CA LEU B 21 27.99 19.87 18.14
C LEU B 21 28.73 19.73 16.86
N GLU B 22 28.17 18.93 15.93
CA GLU B 22 28.80 18.65 14.63
C GLU B 22 28.90 19.91 13.73
N LYS B 23 27.88 20.76 13.89
CA LYS B 23 27.63 21.87 13.00
C LYS B 23 28.46 22.92 13.61
N ALA B 24 28.16 23.21 14.92
CA ALA B 24 28.69 24.31 15.68
C ALA B 24 28.59 25.60 14.99
N ARG B 25 27.69 25.64 13.96
CA ARG B 25 27.61 26.41 12.76
C ARG B 25 28.46 27.56 12.74
N GLY B 26 28.36 28.44 13.78
CA GLY B 26 28.91 29.72 14.10
C GLY B 26 30.09 30.33 13.42
N ASN B 27 30.65 29.66 12.41
CA ASN B 27 31.89 29.86 11.74
C ASN B 27 32.94 29.52 12.75
N GLY B 28 34.11 30.14 12.55
CA GLY B 28 35.37 30.13 13.28
C GLY B 28 35.87 28.71 13.49
N THR B 29 37.18 28.51 13.63
CA THR B 29 37.64 27.14 13.82
C THR B 29 38.08 26.88 15.25
N SER B 30 37.13 27.06 16.19
CA SER B 30 37.36 27.04 17.61
C SER B 30 36.33 26.22 18.33
N MET B 31 36.04 25.02 17.82
CA MET B 31 35.03 24.21 18.44
C MET B 31 35.76 23.03 19.03
N ILE B 32 35.76 22.71 20.34
CA ILE B 32 36.36 21.48 20.84
C ILE B 32 35.31 20.56 21.43
N SER B 33 35.21 19.34 20.87
CA SER B 33 34.68 18.14 21.47
C SER B 33 35.79 17.42 22.14
N LEU B 34 35.62 17.19 23.44
CA LEU B 34 36.48 16.34 24.18
C LEU B 34 35.55 15.29 24.78
N VAL B 35 35.66 14.00 24.36
CA VAL B 35 35.08 12.89 25.07
C VAL B 35 36.18 12.01 25.58
N ILE B 36 36.05 11.64 26.86
CA ILE B 36 37.10 10.98 27.63
C ILE B 36 36.38 9.71 28.09
N PRO B 37 36.94 8.54 27.66
CA PRO B 37 36.38 7.23 28.05
C PRO B 37 36.44 6.90 29.43
N PRO B 38 35.58 5.98 29.95
CA PRO B 38 35.66 5.55 31.35
C PRO B 38 36.98 4.87 31.58
N LYS B 39 37.57 5.10 32.77
CA LYS B 39 38.96 4.77 33.24
C LYS B 39 40.13 5.45 32.64
N GLY B 40 39.98 6.33 31.61
CA GLY B 40 41.10 7.19 31.26
C GLY B 40 41.30 8.25 32.28
N LEU B 41 42.44 8.95 32.28
CA LEU B 41 42.65 9.95 33.33
C LEU B 41 42.63 11.36 32.86
N ILE B 42 41.99 12.26 33.57
CA ILE B 42 41.57 13.61 33.18
C ILE B 42 42.67 14.62 32.78
N PRO B 43 43.79 14.74 33.53
CA PRO B 43 45.03 15.47 33.21
C PRO B 43 45.78 15.00 32.06
N LEU B 44 45.63 13.71 31.61
CA LEU B 44 46.26 13.33 30.37
C LEU B 44 45.58 14.15 29.23
N TYR B 45 44.29 14.30 29.35
CA TYR B 45 43.59 15.35 28.63
C TYR B 45 43.96 16.77 29.07
N GLN B 46 44.05 17.16 30.39
CA GLN B 46 44.47 18.53 30.75
C GLN B 46 45.86 18.94 30.22
N LYS B 47 46.81 17.97 30.28
CA LYS B 47 48.13 18.19 29.71
C LYS B 47 48.15 18.27 28.21
N MET B 48 47.41 17.46 27.45
CA MET B 48 47.23 17.67 26.05
C MET B 48 46.55 19.02 25.78
N LEU B 49 45.53 19.43 26.55
CA LEU B 49 44.94 20.81 26.37
C LEU B 49 45.99 21.96 26.60
N THR B 50 46.80 21.93 27.64
CA THR B 50 48.00 22.78 27.85
C THR B 50 49.19 22.76 26.89
N ASP B 51 49.55 21.57 26.37
CA ASP B 51 50.42 21.51 25.21
C ASP B 51 49.89 22.06 23.90
N GLU B 52 48.60 21.76 23.56
CA GLU B 52 47.89 22.52 22.55
C GLU B 52 47.77 24.04 22.84
N TYR B 53 47.54 24.58 24.07
CA TYR B 53 47.56 26.02 24.40
C TYR B 53 48.89 26.78 24.10
N GLY B 54 49.95 26.12 24.50
CA GLY B 54 51.30 26.56 24.27
C GLY B 54 51.62 26.60 22.79
N THR B 55 51.22 25.59 21.98
CA THR B 55 51.20 25.71 20.50
C THR B 55 50.32 26.71 19.93
N ALA B 56 49.08 26.84 20.48
CA ALA B 56 48.16 27.81 20.01
C ALA B 56 48.62 29.23 20.16
N SER B 57 49.38 29.49 21.23
CA SER B 57 50.14 30.66 21.50
C SER B 57 51.19 31.02 20.50
N ASN B 58 51.82 30.09 19.75
CA ASN B 58 52.68 30.45 18.69
C ASN B 58 52.01 31.00 17.42
N ILE B 59 50.72 30.74 17.10
CA ILE B 59 50.03 31.27 15.88
C ILE B 59 50.09 32.74 15.65
N LYS B 60 49.89 33.59 16.73
CA LYS B 60 50.14 35.02 16.69
C LYS B 60 49.42 35.80 15.60
N SER B 61 48.20 35.35 15.19
CA SER B 61 47.39 35.99 14.14
C SER B 61 46.07 36.29 14.81
N ARG B 62 45.85 37.60 15.17
CA ARG B 62 45.08 37.96 16.39
C ARG B 62 43.74 37.30 16.52
N VAL B 63 42.95 37.31 15.41
CA VAL B 63 41.64 36.61 15.42
C VAL B 63 41.67 35.10 15.59
N ASN B 64 42.50 34.38 14.79
CA ASN B 64 42.64 32.95 14.81
C ASN B 64 43.24 32.37 16.07
N ARG B 65 44.31 33.07 16.55
CA ARG B 65 44.89 32.72 17.81
C ARG B 65 43.93 32.93 19.02
N LEU B 66 43.21 34.05 19.00
CA LEU B 66 42.24 34.25 20.03
C LEU B 66 41.07 33.23 20.04
N SER B 67 40.61 32.76 18.87
CA SER B 67 39.58 31.66 18.78
C SER B 67 40.03 30.36 19.40
N VAL B 68 41.22 29.92 18.89
CA VAL B 68 41.78 28.69 19.44
C VAL B 68 42.17 28.77 20.88
N LEU B 69 42.80 29.89 21.40
CA LEU B 69 42.97 30.04 22.86
C LEU B 69 41.67 30.13 23.60
N SER B 70 40.66 30.91 23.13
CA SER B 70 39.35 30.99 23.76
C SER B 70 38.68 29.57 23.79
N ALA B 71 38.79 28.77 22.74
CA ALA B 71 38.28 27.43 22.72
C ALA B 71 38.91 26.46 23.66
N ILE B 72 40.29 26.40 23.69
CA ILE B 72 41.06 25.55 24.60
C ILE B 72 40.87 25.98 26.05
N THR B 73 40.91 27.28 26.38
CA THR B 73 40.75 27.83 27.73
C THR B 73 39.35 27.56 28.26
N SER B 74 38.25 27.63 27.43
CA SER B 74 36.93 27.21 27.87
C SER B 74 36.82 25.74 28.28
N THR B 75 37.32 24.76 27.45
CA THR B 75 37.27 23.32 27.80
C THR B 75 38.12 23.01 29.01
N GLN B 76 39.31 23.64 29.13
CA GLN B 76 40.15 23.54 30.27
C GLN B 76 39.53 24.01 31.57
N GLN B 77 38.77 25.14 31.44
CA GLN B 77 38.03 25.74 32.58
C GLN B 77 36.91 24.91 33.20
N LYS B 78 36.14 24.21 32.34
CA LYS B 78 35.21 23.18 32.70
C LYS B 78 35.87 21.95 33.21
N LEU B 79 37.01 21.46 32.69
CA LEU B 79 37.61 20.19 33.03
C LEU B 79 37.99 20.14 34.53
N LYS B 80 38.41 21.26 35.08
CA LYS B 80 38.70 21.46 36.50
C LYS B 80 37.54 21.17 37.49
N LEU B 81 36.29 21.38 37.10
CA LEU B 81 35.15 21.08 37.93
C LEU B 81 35.06 19.61 38.22
N TYR B 82 35.39 18.78 37.22
CA TYR B 82 35.50 17.36 37.43
C TYR B 82 36.85 16.89 37.95
N ASN B 83 36.78 16.14 39.01
CA ASN B 83 37.87 15.62 39.78
C ASN B 83 38.71 14.54 39.13
N THR B 84 38.03 13.62 38.41
CA THR B 84 38.38 12.32 37.89
C THR B 84 37.40 12.37 36.75
N LEU B 85 37.64 11.47 35.80
CA LEU B 85 36.62 10.91 34.97
C LEU B 85 35.64 10.04 35.81
N PRO B 86 34.36 10.27 35.80
CA PRO B 86 33.46 9.39 36.52
C PRO B 86 33.26 8.14 35.81
N LYS B 87 32.51 7.26 36.40
CA LYS B 87 32.08 6.07 35.72
C LYS B 87 31.20 6.51 34.58
N ASN B 88 31.07 5.79 33.49
CA ASN B 88 30.35 6.24 32.26
C ASN B 88 31.14 7.30 31.41
N GLY B 89 32.18 7.96 31.91
CA GLY B 89 32.98 8.89 31.10
C GLY B 89 32.66 10.35 31.36
N LEU B 90 33.12 11.22 30.41
CA LEU B 90 32.87 12.62 30.31
C LEU B 90 32.67 12.96 28.91
N VAL B 91 31.68 13.76 28.60
CA VAL B 91 31.60 14.47 27.33
C VAL B 91 31.65 15.98 27.54
N LEU B 92 32.37 16.67 26.68
CA LEU B 92 32.63 18.08 26.76
C LEU B 92 32.58 18.67 25.32
N TYR B 93 31.87 19.80 25.26
CA TYR B 93 31.50 20.52 24.10
C TYR B 93 31.91 21.95 24.44
N CYS B 94 32.82 22.53 23.67
CA CYS B 94 33.12 23.92 23.90
C CYS B 94 33.41 24.59 22.59
N GLY B 95 33.10 25.90 22.47
CA GLY B 95 33.34 26.64 21.23
C GLY B 95 32.56 27.80 21.11
N ASP B 96 33.00 28.66 20.17
CA ASP B 96 32.48 29.99 19.96
C ASP B 96 31.61 29.91 18.76
N ILE B 97 30.30 30.21 18.94
CA ILE B 97 29.33 30.18 17.88
C ILE B 97 28.81 31.58 17.68
N ILE B 98 28.13 31.83 16.52
CA ILE B 98 27.15 32.90 16.27
C ILE B 98 25.97 32.73 17.20
N THR B 99 26.22 32.86 18.52
CA THR B 99 25.28 33.11 19.59
C THR B 99 24.28 34.18 19.18
N GLU B 100 23.17 34.27 19.92
CA GLU B 100 22.04 35.16 19.62
C GLU B 100 21.69 36.03 20.83
N ASP B 101 20.72 36.92 20.64
CA ASP B 101 20.29 37.80 21.71
C ASP B 101 21.46 38.61 22.28
N GLY B 102 22.35 39.03 21.40
CA GLY B 102 23.52 39.80 21.80
C GLY B 102 23.89 39.57 23.25
N LYS B 103 23.76 38.32 23.69
CA LYS B 103 24.08 37.97 25.07
C LYS B 103 25.35 37.13 25.14
N GLU B 104 25.88 36.77 23.98
CA GLU B 104 27.11 35.97 23.90
C GLU B 104 27.06 34.82 24.89
N LYS B 105 28.15 34.06 24.95
CA LYS B 105 28.24 32.92 25.87
C LYS B 105 28.51 31.63 25.12
N LYS B 106 29.73 31.50 24.58
CA LYS B 106 30.11 30.31 23.83
C LYS B 106 29.42 29.08 24.43
N VAL B 107 29.18 28.03 23.60
CA VAL B 107 28.54 26.83 24.06
C VAL B 107 29.45 26.14 25.03
N THR B 108 28.87 25.68 26.15
CA THR B 108 29.60 25.02 27.20
C THR B 108 28.70 23.89 27.60
N PHE B 109 28.93 22.66 27.12
CA PHE B 109 28.29 21.49 27.74
C PHE B 109 29.31 20.58 28.29
N ASP B 110 29.03 20.05 29.46
CA ASP B 110 30.01 19.21 30.21
C ASP B 110 29.13 18.29 31.01
N ILE B 111 29.18 16.95 30.84
CA ILE B 111 28.24 16.01 31.51
C ILE B 111 28.77 14.60 31.61
N GLU B 112 28.07 13.80 32.42
CA GLU B 112 28.30 12.36 32.40
C GLU B 112 27.05 11.68 31.79
N PRO B 113 27.13 10.91 30.75
CA PRO B 113 26.07 10.13 30.19
C PRO B 113 26.14 8.68 30.77
N TYR B 114 25.80 7.63 30.04
CA TYR B 114 26.00 6.21 30.43
C TYR B 114 26.70 5.37 29.34
N LYS B 115 28.04 5.16 29.58
CA LYS B 115 28.95 4.23 28.91
C LYS B 115 29.51 4.45 27.50
N PRO B 116 30.16 5.57 27.12
CA PRO B 116 30.99 5.58 25.91
C PRO B 116 32.41 5.14 26.16
N ILE B 117 32.79 3.90 25.72
CA ILE B 117 34.10 3.34 26.05
C ILE B 117 35.03 3.43 24.86
N ASN B 118 36.32 3.75 25.15
CA ASN B 118 37.52 3.83 24.26
C ASN B 118 37.47 4.71 22.97
N THR B 119 36.41 5.55 22.96
CA THR B 119 36.20 6.47 21.90
C THR B 119 37.25 7.58 21.91
N SER B 120 37.56 8.13 23.11
CA SER B 120 38.57 9.14 23.36
C SER B 120 38.75 10.18 22.28
N LEU B 121 37.84 11.19 22.20
CA LEU B 121 37.91 12.13 21.12
C LEU B 121 38.36 13.45 21.66
N TYR B 122 39.27 14.10 20.87
CA TYR B 122 39.64 15.49 20.92
C TYR B 122 39.79 15.94 19.47
N LEU B 123 38.87 16.81 18.97
CA LEU B 123 39.02 17.35 17.63
C LEU B 123 38.56 18.77 17.71
N CYS B 124 39.11 19.62 16.81
CA CYS B 124 38.74 21.03 16.74
C CYS B 124 38.45 21.42 15.31
N ASP B 125 38.08 20.43 14.50
CA ASP B 125 37.79 20.66 13.08
C ASP B 125 36.35 21.15 12.90
N ASN B 126 35.74 20.75 11.79
CA ASN B 126 34.37 21.14 11.48
C ASN B 126 33.35 20.26 12.20
N LYS B 127 33.89 19.07 12.45
CA LYS B 127 33.13 18.03 12.96
C LYS B 127 34.08 17.31 13.88
N PHE B 128 33.54 16.90 15.04
CA PHE B 128 34.02 15.93 15.97
C PHE B 128 33.58 14.53 15.56
N HIS B 129 34.43 13.51 15.39
CA HIS B 129 33.88 12.20 15.11
C HIS B 129 33.76 11.51 16.44
N THR B 130 32.52 11.59 16.98
CA THR B 130 32.02 11.18 18.28
C THR B 130 31.73 9.70 18.30
N GLU B 131 31.91 9.03 17.13
CA GLU B 131 31.33 7.77 16.71
C GLU B 131 31.53 6.58 17.62
N VAL B 132 31.07 5.40 17.18
CA VAL B 132 31.01 4.11 17.87
C VAL B 132 30.15 4.00 19.13
N LEU B 133 30.04 5.01 20.04
CA LEU B 133 28.90 5.18 20.93
C LEU B 133 27.66 5.53 20.14
N SER B 134 27.87 6.44 19.16
CA SER B 134 26.99 6.65 18.02
C SER B 134 26.86 5.48 17.04
N GLU B 135 27.86 4.58 16.85
CA GLU B 135 27.67 3.30 16.17
C GLU B 135 26.86 2.30 16.97
N LEU B 136 27.07 2.26 18.33
CA LEU B 136 26.58 1.33 19.37
C LEU B 136 25.10 1.39 19.55
N LEU B 137 24.54 2.55 19.21
CA LEU B 137 23.16 2.92 19.41
C LEU B 137 23.11 3.53 18.08
N GLN B 138 22.94 2.53 17.17
CA GLN B 138 23.18 2.45 15.77
C GLN B 138 22.00 3.15 15.22
N ALA B 139 21.03 2.45 14.57
CA ALA B 139 19.73 2.97 14.19
C ALA B 139 19.74 2.93 12.68
N ASP B 140 19.96 1.77 12.01
CA ASP B 140 20.47 1.85 10.66
C ASP B 140 19.60 1.13 9.73
N ASP B 141 19.16 1.84 8.69
CA ASP B 141 18.66 1.41 7.43
C ASP B 141 17.34 0.63 7.49
N LYS B 142 17.29 -0.51 8.25
CA LYS B 142 16.24 -0.95 9.16
C LYS B 142 15.74 -2.28 8.76
N PHE B 143 14.98 -2.30 7.62
CA PHE B 143 14.31 -3.46 7.11
C PHE B 143 14.45 -3.29 5.62
N GLY B 144 14.65 -4.41 4.90
CA GLY B 144 15.02 -4.40 3.52
C GLY B 144 13.81 -4.87 2.80
N PHE B 145 13.47 -4.26 1.67
CA PHE B 145 12.28 -4.65 0.96
C PHE B 145 12.81 -5.04 -0.34
N ILE B 146 12.56 -6.33 -0.74
CA ILE B 146 12.79 -6.86 -2.08
C ILE B 146 11.55 -7.58 -2.53
N VAL B 147 11.00 -7.15 -3.68
CA VAL B 147 9.70 -7.49 -4.23
C VAL B 147 9.88 -8.20 -5.51
N MET B 148 9.57 -9.49 -5.57
CA MET B 148 9.40 -10.06 -6.86
C MET B 148 8.00 -9.73 -7.36
N ASP B 149 7.83 -10.01 -8.64
CA ASP B 149 6.62 -10.16 -9.46
C ASP B 149 6.98 -10.77 -10.79
N GLY B 150 6.01 -11.21 -11.61
CA GLY B 150 6.18 -11.67 -12.94
C GLY B 150 6.47 -10.48 -13.88
N GLN B 151 5.84 -9.33 -13.73
CA GLN B 151 6.06 -8.11 -14.53
C GLN B 151 7.36 -7.24 -14.21
N GLY B 152 7.74 -7.20 -12.95
CA GLY B 152 8.94 -6.47 -12.50
C GLY B 152 9.07 -6.42 -11.07
N THR B 153 10.30 -6.08 -10.65
CA THR B 153 10.78 -6.21 -9.29
C THR B 153 10.76 -4.86 -8.58
N LEU B 154 11.14 -4.80 -7.27
CA LEU B 154 11.20 -3.55 -6.53
C LEU B 154 12.12 -3.81 -5.36
N PHE B 155 12.88 -2.77 -4.93
CA PHE B 155 13.80 -2.76 -3.85
C PHE B 155 13.50 -1.50 -3.18
N GLY B 156 13.38 -1.49 -1.84
CA GLY B 156 13.20 -0.27 -1.08
C GLY B 156 13.56 -0.55 0.35
N SER B 157 13.20 0.35 1.28
CA SER B 157 13.51 0.16 2.68
C SER B 157 12.53 0.89 3.59
N VAL B 158 12.19 0.30 4.75
CA VAL B 158 11.36 0.97 5.70
C VAL B 158 12.23 0.91 6.85
N SER B 159 12.38 2.05 7.49
CA SER B 159 13.47 2.33 8.34
C SER B 159 12.75 3.20 9.31
N GLY B 160 12.42 2.83 10.57
CA GLY B 160 11.76 3.78 11.46
C GLY B 160 10.46 4.26 10.86
N ASN B 161 10.31 5.60 10.77
CA ASN B 161 9.15 6.26 10.18
C ASN B 161 9.91 6.85 9.01
N THR B 162 10.98 6.27 8.41
CA THR B 162 11.43 6.46 7.01
C THR B 162 11.15 5.29 6.11
N ARG B 163 10.23 5.35 5.10
CA ARG B 163 9.97 4.36 4.07
C ARG B 163 10.58 5.00 2.88
N THR B 164 11.33 4.17 2.12
CA THR B 164 11.86 4.69 0.89
C THR B 164 11.84 3.65 -0.17
N VAL B 165 11.29 3.99 -1.34
CA VAL B 165 11.26 3.16 -2.51
C VAL B 165 11.79 4.08 -3.55
N LEU B 166 12.67 3.57 -4.43
CA LEU B 166 13.42 4.38 -5.36
C LEU B 166 14.54 3.62 -5.95
N HIS B 167 14.21 2.50 -6.66
CA HIS B 167 15.22 1.59 -7.15
C HIS B 167 14.53 0.31 -7.66
N LYS B 168 14.29 0.24 -8.95
CA LYS B 168 13.38 -0.83 -9.46
C LYS B 168 13.85 -1.17 -10.89
N PHE B 169 13.26 -2.11 -11.57
CA PHE B 169 13.43 -2.35 -13.01
C PHE B 169 12.21 -3.23 -13.37
N THR B 170 12.16 -3.74 -14.61
CA THR B 170 11.06 -4.64 -15.03
C THR B 170 11.64 -5.59 -16.09
N VAL B 171 10.79 -6.56 -16.36
CA VAL B 171 11.05 -7.75 -17.04
C VAL B 171 9.89 -8.02 -17.90
N ASP B 172 10.24 -8.33 -19.14
CA ASP B 172 9.40 -9.27 -19.78
C ASP B 172 10.44 -10.32 -19.91
N LEU B 173 10.07 -11.41 -19.23
CA LEU B 173 10.76 -12.63 -19.08
C LEU B 173 10.32 -13.32 -20.29
N PRO B 174 10.35 -14.51 -21.01
CA PRO B 174 9.43 -14.72 -22.25
C PRO B 174 7.97 -15.38 -22.13
N LYS B 175 6.85 -14.67 -22.11
CA LYS B 175 5.68 -15.28 -21.47
C LYS B 175 4.79 -15.72 -22.62
N LYS B 176 4.80 -14.94 -23.72
CA LYS B 176 4.42 -15.27 -25.08
C LYS B 176 5.14 -16.49 -25.68
N HIS B 177 4.57 -17.75 -25.62
CA HIS B 177 5.20 -18.98 -26.14
C HIS B 177 5.68 -18.95 -27.60
N GLY B 178 5.15 -17.92 -28.24
CA GLY B 178 4.99 -17.50 -29.63
C GLY B 178 3.99 -18.33 -30.39
N ARG B 179 3.51 -17.80 -31.50
CA ARG B 179 2.53 -18.51 -32.33
C ARG B 179 2.90 -18.42 -33.80
N GLY B 180 2.49 -19.43 -34.57
CA GLY B 180 2.76 -19.46 -36.00
C GLY B 180 3.32 -20.79 -36.45
N GLY B 181 3.60 -21.67 -35.48
CA GLY B 181 4.12 -22.99 -35.78
C GLY B 181 5.07 -23.49 -34.72
N GLN B 182 6.25 -23.93 -35.14
CA GLN B 182 7.26 -24.44 -34.22
C GLN B 182 6.72 -25.60 -33.40
N SER B 183 6.97 -25.03 -31.81
CA SER B 183 6.56 -26.14 -31.00
C SER B 183 5.95 -25.53 -29.78
N ALA B 184 5.85 -27.34 -29.38
CA ALA B 184 5.14 -27.05 -28.17
C ALA B 184 6.21 -26.69 -27.18
N LEU B 185 6.60 -27.66 -26.33
CA LEU B 185 7.65 -27.68 -25.32
C LEU B 185 8.53 -26.47 -25.31
N ARG B 186 9.34 -26.14 -26.40
CA ARG B 186 10.26 -24.96 -26.59
C ARG B 186 10.03 -23.73 -25.82
N PHE B 187 8.77 -23.36 -25.67
CA PHE B 187 8.45 -22.20 -24.85
C PHE B 187 8.82 -22.42 -23.42
N ALA B 188 8.50 -23.59 -22.84
CA ALA B 188 8.64 -23.93 -21.45
C ALA B 188 10.11 -23.89 -21.13
N ARG B 189 10.95 -24.43 -22.02
CA ARG B 189 12.39 -24.22 -21.90
C ARG B 189 12.86 -22.80 -21.95
N LEU B 190 12.36 -21.98 -22.92
CA LEU B 190 12.59 -20.56 -23.00
C LEU B 190 12.07 -19.88 -21.81
N ARG B 191 10.97 -20.34 -21.19
CA ARG B 191 10.43 -19.77 -19.96
C ARG B 191 11.31 -19.99 -18.79
N GLU B 192 11.82 -21.22 -18.60
CA GLU B 192 12.69 -21.43 -17.47
C GLU B 192 14.15 -20.75 -17.46
N GLU B 193 14.63 -20.44 -18.69
CA GLU B 193 15.86 -19.70 -18.89
C GLU B 193 15.63 -18.24 -18.61
N LYS B 194 14.56 -17.68 -19.17
CA LYS B 194 14.30 -16.28 -18.91
C LYS B 194 13.88 -16.02 -17.41
N ARG B 195 13.22 -16.92 -16.72
CA ARG B 195 13.04 -16.77 -15.28
C ARG B 195 14.37 -16.88 -14.44
N HIS B 196 15.29 -17.78 -14.83
CA HIS B 196 16.60 -17.84 -14.30
C HIS B 196 17.36 -16.54 -14.50
N ASN B 197 17.16 -15.84 -15.59
CA ASN B 197 17.81 -14.50 -15.85
C ASN B 197 17.30 -13.36 -14.90
N TYR B 198 16.07 -13.52 -14.32
CA TYR B 198 15.39 -12.62 -13.40
C TYR B 198 15.88 -12.99 -11.97
N VAL B 199 15.97 -14.30 -11.63
CA VAL B 199 16.61 -14.82 -10.41
C VAL B 199 18.11 -14.34 -10.37
N ARG B 200 18.85 -14.21 -11.52
CA ARG B 200 20.17 -13.59 -11.50
C ARG B 200 19.99 -12.03 -11.30
N LYS B 201 19.34 -11.28 -12.23
CA LYS B 201 19.20 -9.85 -12.15
C LYS B 201 18.52 -9.20 -10.96
N VAL B 202 17.43 -9.82 -10.37
CA VAL B 202 16.92 -9.33 -9.09
C VAL B 202 17.85 -9.52 -7.93
N ALA B 203 18.34 -10.76 -7.75
CA ALA B 203 19.26 -11.05 -6.64
C ALA B 203 20.58 -10.24 -6.66
N GLU B 204 21.12 -9.86 -7.91
CA GLU B 204 22.36 -9.13 -8.04
C GLU B 204 22.14 -7.67 -7.68
N VAL B 205 21.04 -7.05 -8.14
CA VAL B 205 20.80 -5.65 -7.77
C VAL B 205 20.46 -5.51 -6.31
N ALA B 206 20.02 -6.62 -5.68
CA ALA B 206 19.72 -6.69 -4.27
C ALA B 206 21.09 -6.73 -3.53
N VAL B 207 22.09 -7.50 -4.04
CA VAL B 207 23.44 -7.46 -3.55
C VAL B 207 24.17 -6.13 -3.73
N GLN B 208 23.94 -5.49 -4.90
CA GLN B 208 24.39 -4.13 -5.27
C GLN B 208 23.75 -2.97 -4.46
N ASN B 209 22.73 -3.20 -3.63
CA ASN B 209 22.01 -2.21 -2.80
C ASN B 209 22.26 -2.41 -1.30
N PHE B 210 21.47 -3.39 -0.71
CA PHE B 210 21.31 -3.83 0.64
C PHE B 210 22.57 -4.26 1.36
N ILE B 211 23.42 -5.05 0.72
CA ILE B 211 24.77 -5.32 1.21
C ILE B 211 25.68 -4.25 0.62
N THR B 212 25.82 -3.13 1.36
CA THR B 212 26.81 -2.15 0.98
C THR B 212 28.15 -2.63 1.60
N ASN B 213 29.19 -1.76 1.59
CA ASN B 213 30.52 -2.07 2.04
C ASN B 213 30.73 -3.18 3.13
N ASP B 214 31.17 -4.31 2.65
CA ASP B 214 31.49 -5.49 3.41
C ASP B 214 30.48 -5.86 4.54
N LYS B 215 29.18 -5.62 4.38
CA LYS B 215 28.11 -5.90 5.35
C LYS B 215 26.76 -5.32 4.89
N VAL B 216 25.67 -6.05 5.28
CA VAL B 216 24.35 -5.59 4.96
C VAL B 216 24.01 -4.41 5.86
N ASN B 217 23.63 -3.32 5.19
CA ASN B 217 23.30 -1.97 5.76
C ASN B 217 22.10 -2.04 6.61
N VAL B 218 21.30 -3.10 6.39
CA VAL B 218 19.97 -3.17 6.87
C VAL B 218 20.02 -4.31 7.84
N LYS B 219 19.14 -4.37 8.88
CA LYS B 219 19.21 -5.44 9.79
C LYS B 219 18.49 -6.70 9.45
N GLY B 220 17.70 -6.74 8.32
CA GLY B 220 16.62 -7.68 8.24
C GLY B 220 15.93 -8.28 7.06
N LEU B 221 15.70 -7.50 6.01
CA LEU B 221 15.46 -8.04 4.65
C LEU B 221 14.26 -8.97 4.37
N ILE B 222 13.16 -8.45 3.75
CA ILE B 222 11.99 -9.22 3.50
C ILE B 222 11.81 -9.46 2.04
N LEU B 223 11.54 -10.68 1.67
CA LEU B 223 11.24 -11.12 0.34
C LEU B 223 9.78 -11.26 0.18
N ALA B 224 9.27 -10.48 -0.76
CA ALA B 224 7.78 -10.54 -0.98
C ALA B 224 7.45 -10.72 -2.41
N GLY B 225 6.40 -11.53 -2.70
CA GLY B 225 5.93 -11.70 -4.10
C GLY B 225 4.80 -12.64 -4.11
N SER B 226 4.92 -13.68 -4.95
CA SER B 226 3.82 -14.60 -5.18
C SER B 226 4.52 -15.75 -5.84
N ALA B 227 3.95 -16.90 -5.42
CA ALA B 227 4.01 -18.10 -6.13
C ALA B 227 5.40 -18.56 -6.52
N ASP B 228 6.26 -18.62 -5.52
CA ASP B 228 7.56 -19.20 -5.31
C ASP B 228 8.72 -18.61 -6.13
N PHE B 229 8.41 -17.39 -6.63
CA PHE B 229 9.40 -16.56 -7.34
C PHE B 229 10.41 -16.07 -6.32
N LYS B 230 9.99 -16.01 -5.02
CA LYS B 230 10.89 -15.74 -3.87
C LYS B 230 11.54 -16.95 -3.18
N THR B 231 10.85 -18.15 -3.10
CA THR B 231 11.47 -19.35 -2.55
C THR B 231 12.63 -19.86 -3.37
N ASP B 232 12.53 -19.74 -4.69
CA ASP B 232 13.67 -19.95 -5.61
C ASP B 232 14.73 -18.82 -5.56
N LEU B 233 14.41 -17.65 -4.91
CA LEU B 233 15.32 -16.59 -4.66
C LEU B 233 16.12 -16.87 -3.43
N ALA B 234 15.36 -17.21 -2.35
CA ALA B 234 15.95 -17.38 -1.03
C ALA B 234 16.88 -18.64 -1.02
N LYS B 235 16.35 -19.86 -1.39
CA LYS B 235 17.20 -21.04 -1.58
C LYS B 235 17.76 -21.05 -2.96
N SER B 236 18.88 -20.38 -3.25
CA SER B 236 19.54 -20.25 -4.51
C SER B 236 21.00 -20.11 -4.27
N GLU B 237 21.80 -20.23 -5.35
CA GLU B 237 23.20 -20.04 -5.30
C GLU B 237 23.52 -18.58 -5.48
N LEU B 238 22.77 -17.91 -6.39
CA LEU B 238 23.03 -16.56 -6.86
C LEU B 238 22.80 -15.51 -5.76
N PHE B 239 21.84 -15.77 -4.84
CA PHE B 239 21.45 -14.80 -3.84
C PHE B 239 22.36 -14.92 -2.64
N ASP B 240 22.45 -16.16 -2.06
CA ASP B 240 23.01 -16.44 -0.73
C ASP B 240 23.88 -15.40 0.06
N PRO B 241 25.16 -15.62 0.11
CA PRO B 241 26.06 -15.09 1.14
C PRO B 241 25.62 -13.97 2.02
N ARG B 242 25.48 -14.24 3.31
CA ARG B 242 25.19 -13.26 4.35
C ARG B 242 23.83 -12.57 4.26
N LEU B 243 23.25 -12.35 3.04
CA LEU B 243 21.84 -12.03 2.77
C LEU B 243 20.81 -13.13 2.98
N ALA B 244 21.06 -14.44 2.58
CA ALA B 244 20.13 -15.55 2.84
C ALA B 244 19.95 -15.78 4.31
N CYS B 245 21.03 -15.48 5.03
CA CYS B 245 21.24 -15.55 6.43
C CYS B 245 20.38 -14.57 7.18
N LYS B 246 20.23 -13.34 6.62
CA LYS B 246 19.36 -12.29 7.18
C LYS B 246 17.89 -12.31 7.00
N VAL B 247 17.31 -13.18 6.12
CA VAL B 247 15.90 -13.01 5.73
C VAL B 247 14.93 -13.34 6.94
N ILE B 248 14.17 -12.30 7.45
CA ILE B 248 13.19 -12.50 8.54
C ILE B 248 11.92 -13.09 8.07
N SER B 249 11.35 -12.51 7.00
CA SER B 249 10.06 -12.93 6.52
C SER B 249 10.04 -13.16 5.00
N ILE B 250 9.17 -14.08 4.55
CA ILE B 250 8.74 -14.35 3.20
C ILE B 250 7.22 -14.04 3.18
N VAL B 251 6.78 -12.92 2.55
CA VAL B 251 5.41 -12.51 2.63
C VAL B 251 4.85 -12.82 1.22
N ASP B 252 3.63 -13.36 1.24
CA ASP B 252 2.77 -13.62 0.05
C ASP B 252 1.76 -12.48 -0.07
N VAL B 253 1.81 -11.88 -1.29
CA VAL B 253 0.98 -10.79 -1.64
C VAL B 253 0.23 -11.22 -2.89
N SER B 254 -0.80 -10.42 -3.24
CA SER B 254 -1.82 -10.68 -4.22
C SER B 254 -1.24 -10.21 -5.55
N TYR B 255 -2.08 -9.49 -6.30
CA TYR B 255 -1.72 -8.62 -7.36
C TYR B 255 -0.59 -7.62 -7.02
N GLY B 256 -0.05 -7.63 -5.78
CA GLY B 256 1.29 -7.16 -5.49
C GLY B 256 1.59 -5.71 -5.56
N GLY B 257 0.95 -4.91 -6.46
CA GLY B 257 0.41 -3.56 -6.24
C GLY B 257 0.52 -3.08 -4.82
N GLU B 258 0.58 -1.76 -4.61
CA GLU B 258 1.25 -1.27 -3.43
C GLU B 258 0.67 -1.67 -2.10
N ASN B 259 -0.66 -1.92 -1.99
CA ASN B 259 -1.33 -2.20 -0.74
C ASN B 259 -0.81 -3.53 -0.21
N GLY B 260 -0.84 -4.50 -1.09
CA GLY B 260 -0.45 -5.79 -0.73
C GLY B 260 0.95 -5.70 -0.11
N PHE B 261 1.83 -5.07 -0.90
CA PHE B 261 3.15 -4.71 -0.56
C PHE B 261 3.33 -4.11 0.83
N ASN B 262 2.56 -3.08 1.23
CA ASN B 262 2.59 -2.51 2.56
C ASN B 262 2.19 -3.51 3.61
N GLN B 263 1.03 -4.24 3.45
CA GLN B 263 0.46 -5.18 4.38
C GLN B 263 1.60 -6.12 4.75
N ALA B 264 2.42 -6.50 3.69
CA ALA B 264 3.72 -7.19 3.73
C ALA B 264 4.71 -6.74 4.77
N ILE B 265 5.31 -5.56 4.63
CA ILE B 265 6.11 -4.95 5.69
C ILE B 265 5.50 -4.99 7.07
N GLU B 266 4.17 -4.79 7.10
CA GLU B 266 3.36 -4.63 8.26
C GLU B 266 3.46 -5.88 9.07
N LEU B 267 2.70 -6.98 8.68
CA LEU B 267 2.62 -8.30 9.29
C LEU B 267 4.02 -8.62 9.79
N SER B 268 5.07 -8.32 8.99
CA SER B 268 6.49 -8.50 9.28
C SER B 268 6.93 -8.21 10.71
N ALA B 269 7.33 -6.96 11.13
CA ALA B 269 7.89 -6.66 12.55
C ALA B 269 7.98 -7.70 13.82
N GLU B 270 7.35 -7.43 14.68
CA GLU B 270 7.11 -8.43 15.71
C GLU B 270 8.33 -9.34 15.88
N ALA B 271 9.31 -8.86 16.65
CA ALA B 271 10.52 -9.64 16.89
C ALA B 271 11.66 -9.18 15.98
N LEU B 272 11.33 -8.40 14.91
CA LEU B 272 12.35 -7.87 14.03
C LEU B 272 12.10 -6.42 13.84
N ALA B 273 13.23 -5.71 13.74
CA ALA B 273 13.52 -4.36 13.37
C ALA B 273 14.70 -4.26 14.27
N ASN B 274 14.20 -4.48 15.50
CA ASN B 274 14.54 -4.49 16.86
C ASN B 274 14.51 -3.07 17.26
N VAL B 275 15.65 -2.52 17.73
CA VAL B 275 15.65 -1.78 18.98
C VAL B 275 14.35 -1.86 19.78
N LYS B 276 13.69 -0.72 20.07
CA LYS B 276 12.70 -0.49 21.00
C LYS B 276 12.27 0.97 20.76
N TYR B 277 12.54 1.61 19.58
CA TYR B 277 12.36 3.06 19.36
C TYR B 277 11.42 3.29 18.19
N VAL B 278 12.00 2.95 17.00
CA VAL B 278 11.57 3.03 15.64
C VAL B 278 10.88 1.73 15.30
N GLN B 279 9.51 1.56 15.13
CA GLN B 279 9.10 0.29 14.43
C GLN B 279 7.81 0.14 14.97
N GLU B 280 7.82 0.17 16.30
CA GLU B 280 6.72 0.03 17.16
C GLU B 280 6.03 -1.27 17.03
N LYS B 281 5.38 -1.53 15.85
CA LYS B 281 4.35 -2.51 15.64
C LYS B 281 3.54 -2.57 16.88
N LYS B 282 3.07 -3.72 17.35
CA LYS B 282 2.40 -4.35 18.47
C LYS B 282 1.97 -3.31 19.51
N LEU B 283 2.84 -2.30 19.74
CA LEU B 283 2.58 -1.23 20.62
C LEU B 283 1.85 -0.20 19.82
N LEU B 284 2.35 0.44 18.68
CA LEU B 284 1.73 1.58 17.95
C LEU B 284 0.35 1.23 17.62
N GLU B 285 0.25 0.05 17.04
CA GLU B 285 -1.01 -0.41 16.49
C GLU B 285 -2.08 -0.57 17.55
N ALA B 286 -1.66 -1.03 18.73
CA ALA B 286 -2.58 -1.21 19.85
C ALA B 286 -3.21 0.11 20.22
N TYR B 287 -2.42 1.17 20.17
CA TYR B 287 -2.88 2.50 20.50
C TYR B 287 -4.07 2.93 19.64
N PHE B 288 -3.95 2.62 18.30
CA PHE B 288 -4.92 3.00 17.31
C PHE B 288 -6.12 2.08 17.37
N ASP B 289 -5.86 0.77 17.53
CA ASP B 289 -6.88 -0.29 17.56
C ASP B 289 -7.84 -0.13 18.73
N GLU B 290 -7.26 0.09 19.89
CA GLU B 290 -7.92 0.18 21.15
C GLU B 290 -8.91 1.41 21.15
N ILE B 291 -8.53 2.61 20.61
CA ILE B 291 -9.42 3.75 20.27
C ILE B 291 -10.47 3.51 19.31
N SER B 292 -10.30 2.53 18.39
CA SER B 292 -11.29 2.20 17.38
C SER B 292 -12.49 1.75 18.13
N GLN B 293 -12.60 1.37 19.42
CA GLN B 293 -13.61 0.29 19.60
C GLN B 293 -14.97 0.85 19.98
N ASP B 294 -15.18 2.18 19.69
CA ASP B 294 -16.07 3.20 20.22
C ASP B 294 -16.09 3.23 21.72
N THR B 295 -15.11 2.51 22.32
CA THR B 295 -14.57 2.63 23.64
C THR B 295 -13.82 3.92 23.87
N GLY B 296 -14.25 5.09 23.29
CA GLY B 296 -13.74 6.44 23.44
C GLY B 296 -12.38 6.61 24.09
N LYS B 297 -11.31 6.03 23.49
CA LYS B 297 -10.17 5.48 24.22
C LYS B 297 -9.02 6.36 23.84
N PHE B 298 -9.40 7.44 23.17
CA PHE B 298 -8.60 8.43 22.46
C PHE B 298 -8.71 9.69 23.18
N CYS B 299 -7.47 10.11 23.47
CA CYS B 299 -6.95 11.39 23.22
C CYS B 299 -6.02 11.16 22.04
N PHE B 300 -6.23 11.93 21.07
CA PHE B 300 -5.75 12.27 19.74
C PHE B 300 -5.54 13.73 19.35
N GLY B 301 -4.73 14.47 20.07
CA GLY B 301 -4.35 15.78 19.56
C GLY B 301 -4.90 17.11 20.03
N ILE B 302 -6.18 17.39 19.87
CA ILE B 302 -6.63 18.77 20.08
C ILE B 302 -7.65 19.22 21.12
N ASP B 303 -8.08 18.35 22.04
CA ASP B 303 -9.09 18.79 23.01
C ASP B 303 -8.88 18.36 24.46
N ASP B 304 -8.67 17.07 24.67
CA ASP B 304 -8.46 16.55 26.02
C ASP B 304 -7.04 16.04 26.18
N THR B 305 -6.31 16.60 27.15
CA THR B 305 -4.95 16.18 27.38
C THR B 305 -4.48 16.47 28.80
N LEU B 306 -3.95 17.67 29.02
CA LEU B 306 -3.38 18.02 30.32
C LEU B 306 -4.33 17.67 31.46
N LYS B 307 -5.59 18.03 31.31
CA LYS B 307 -6.59 17.77 32.34
C LYS B 307 -6.66 16.29 32.70
N ALA B 308 -6.78 15.45 31.68
CA ALA B 308 -6.85 14.01 31.91
C ALA B 308 -5.53 13.47 32.47
N LEU B 309 -4.43 14.14 32.12
CA LEU B 309 -3.12 13.73 32.60
C LEU B 309 -2.93 14.09 34.06
N ASP B 310 -3.61 15.13 34.49
CA ASP B 310 -3.58 15.53 35.88
C ASP B 310 -4.49 14.58 36.64
N LEU B 311 -5.49 14.05 35.93
CA LEU B 311 -6.44 13.11 36.53
C LEU B 311 -6.28 11.72 35.94
N GLY B 312 -5.63 10.83 36.69
CA GLY B 312 -5.42 9.47 36.25
C GLY B 312 -6.51 8.99 35.31
N ALA B 313 -6.11 8.20 34.31
CA ALA B 313 -7.06 7.67 33.33
C ALA B 313 -6.45 7.60 31.94
N VAL B 314 -5.20 7.14 31.87
CA VAL B 314 -4.50 7.03 30.59
C VAL B 314 -3.48 5.90 30.63
N GLU B 315 -3.56 5.00 29.66
CA GLU B 315 -2.64 3.87 29.57
C GLU B 315 -1.34 4.27 28.89
N LYS B 316 -1.44 4.68 27.62
CA LYS B 316 -0.28 5.09 26.86
C LYS B 316 -0.48 6.46 26.21
N LEU B 317 0.41 7.43 26.42
CA LEU B 317 0.23 8.76 25.88
C LEU B 317 1.03 8.85 24.61
N ILE B 318 0.49 9.30 23.50
CA ILE B 318 1.10 9.44 22.19
C ILE B 318 1.29 10.91 21.85
N VAL B 319 2.54 11.36 21.90
CA VAL B 319 2.89 12.74 21.60
C VAL B 319 3.96 12.77 20.51
N PHE B 320 4.14 13.92 19.85
CA PHE B 320 5.13 14.01 18.79
C PHE B 320 6.31 14.90 19.20
N GLU B 321 7.48 14.60 18.65
CA GLU B 321 8.69 15.35 18.95
C GLU B 321 8.58 16.78 18.42
N ASN B 322 7.83 16.96 17.34
CA ASN B 322 7.65 18.27 16.74
C ASN B 322 6.43 18.99 17.29
N LEU B 323 5.96 18.79 18.51
CA LEU B 323 4.79 19.47 19.08
C LEU B 323 4.93 20.94 19.29
N GLU B 324 3.96 21.61 18.67
CA GLU B 324 3.65 23.00 18.65
C GLU B 324 2.65 23.32 19.73
N THR B 325 2.55 22.55 20.87
CA THR B 325 1.83 22.90 22.10
C THR B 325 2.83 22.98 23.26
N ILE B 326 2.74 23.99 24.22
CA ILE B 326 3.57 24.07 25.41
C ILE B 326 2.79 24.35 26.72
N ARG B 327 3.42 24.81 27.91
CA ARG B 327 2.59 25.28 29.02
C ARG B 327 2.94 26.77 29.21
N TYR B 328 2.05 27.67 29.42
CA TYR B 328 2.37 28.99 29.85
C TYR B 328 1.88 29.27 31.23
N THR B 329 2.58 30.04 32.11
CA THR B 329 2.03 30.47 33.39
C THR B 329 2.03 32.00 33.55
N PHE B 330 0.90 32.61 34.08
CA PHE B 330 0.67 34.00 34.54
C PHE B 330 -0.70 34.71 34.26
N LYS B 331 -1.82 34.42 34.95
CA LYS B 331 -3.04 35.10 34.53
C LYS B 331 -4.06 34.76 35.47
N ASP B 332 -4.97 35.71 35.67
CA ASP B 332 -5.85 35.78 36.84
C ASP B 332 -5.04 35.99 38.12
N ALA B 333 -5.71 36.49 39.15
CA ALA B 333 -5.06 36.74 40.43
C ALA B 333 -5.50 35.72 41.48
N GLU B 334 -5.08 35.93 42.72
CA GLU B 334 -5.42 35.03 43.82
C GLU B 334 -5.19 33.57 43.43
N ASP B 335 -4.72 33.36 42.21
CA ASP B 335 -4.45 32.02 41.71
C ASP B 335 -3.49 32.06 40.52
N ASN B 336 -3.64 31.08 39.62
CA ASN B 336 -2.80 30.95 38.41
C ASN B 336 -3.56 30.50 37.15
N GLU B 337 -3.30 31.03 35.96
CA GLU B 337 -3.83 30.50 34.73
C GLU B 337 -2.77 30.04 33.82
N VAL B 338 -3.00 28.85 33.25
CA VAL B 338 -2.09 28.08 32.40
C VAL B 338 -2.47 28.25 30.91
N ILE B 339 -1.55 28.60 30.02
CA ILE B 339 -1.79 28.71 28.60
C ILE B 339 -1.19 27.55 27.83
N LYS B 340 -1.88 26.99 26.83
CA LYS B 340 -1.36 25.93 25.95
C LYS B 340 -0.90 26.53 24.59
N PHE B 341 0.34 26.23 23.99
CA PHE B 341 1.04 26.82 22.79
C PHE B 341 0.14 27.43 21.84
N ALA B 342 0.12 28.69 22.09
CA ALA B 342 -0.87 29.60 21.86
C ALA B 342 -1.60 29.50 20.44
N GLU B 343 -3.07 29.10 20.26
CA GLU B 343 -3.25 29.03 18.81
C GLU B 343 -3.65 30.40 18.25
N PRO B 344 -4.60 30.39 17.32
CA PRO B 344 -5.07 31.65 16.71
C PRO B 344 -5.68 32.59 17.74
N GLU B 345 -6.09 32.03 18.89
CA GLU B 345 -6.69 32.82 19.95
C GLU B 345 -5.79 32.86 21.18
N ALA B 346 -5.08 31.77 21.42
CA ALA B 346 -4.17 31.67 22.56
C ALA B 346 -3.02 32.67 22.44
N LYS B 347 -2.53 32.85 21.23
CA LYS B 347 -1.44 33.78 20.97
C LYS B 347 -1.85 35.22 21.25
N ASP B 348 -3.10 35.54 20.93
CA ASP B 348 -3.63 36.89 21.16
C ASP B 348 -4.79 36.86 22.14
N LYS B 349 -4.89 35.90 23.05
CA LYS B 349 -5.96 35.80 24.02
C LYS B 349 -5.96 36.94 24.93
N SER B 350 -5.37 38.06 24.44
CA SER B 350 -5.36 39.30 25.20
C SER B 350 -6.78 39.74 25.54
N PHE B 351 -7.76 39.09 24.93
CA PHE B 351 -9.16 39.42 25.16
C PHE B 351 -9.53 39.26 26.64
N ALA B 352 -8.95 38.25 27.28
CA ALA B 352 -9.21 37.98 28.69
C ALA B 352 -8.79 39.16 29.55
N ILE B 353 -8.21 40.18 28.93
CA ILE B 353 -7.77 41.37 29.65
C ILE B 353 -8.95 42.23 30.07
N ASP B 354 -9.23 42.24 31.37
CA ASP B 354 -10.34 43.03 31.91
C ASP B 354 -9.92 44.48 32.11
N LYS B 355 -9.80 45.22 31.01
CA LYS B 355 -9.42 46.62 31.07
C LYS B 355 -10.18 47.36 32.16
N ALA B 356 -11.47 47.07 32.26
CA ALA B 356 -12.33 47.71 33.26
C ALA B 356 -12.22 47.01 34.60
N THR B 357 -11.09 46.32 34.82
CA THR B 357 -10.85 45.61 36.07
C THR B 357 -9.35 45.45 36.33
N GLY B 358 -8.58 45.25 35.27
CA GLY B 358 -7.15 45.09 35.38
C GLY B 358 -6.67 43.75 34.85
N GLN B 359 -7.54 42.75 34.91
CA GLN B 359 -7.21 41.41 34.43
C GLN B 359 -6.36 41.47 33.17
N GLU B 360 -5.04 41.43 33.35
CA GLU B 360 -4.11 41.49 32.23
C GLU B 360 -3.99 40.13 31.56
N MET B 361 -4.47 40.04 30.32
CA MET B 361 -4.42 38.79 29.56
C MET B 361 -3.43 38.89 28.41
N ASP B 362 -2.15 39.02 28.75
CA ASP B 362 -1.10 39.12 27.75
C ASP B 362 -0.45 37.77 27.48
N VAL B 363 -0.96 36.90 26.62
CA VAL B 363 -0.20 35.79 26.04
C VAL B 363 1.26 35.68 26.37
N VAL B 364 1.36 35.03 27.52
CA VAL B 364 2.41 34.61 28.33
C VAL B 364 3.80 34.86 27.83
N SER B 365 4.37 33.73 27.41
CA SER B 365 5.59 33.59 26.75
C SER B 365 5.47 32.34 25.88
N GLU B 366 6.43 31.49 26.15
CA GLU B 366 6.99 30.30 25.49
C GLU B 366 8.05 29.49 26.37
N GLU B 367 7.71 28.26 26.89
CA GLU B 367 8.17 27.06 27.69
C GLU B 367 8.25 25.72 26.89
N PRO B 368 8.94 24.51 26.69
CA PRO B 368 8.47 23.39 25.71
C PRO B 368 7.64 22.03 26.27
N LEU B 369 6.27 21.69 25.85
CA LEU B 369 5.25 20.58 26.23
C LEU B 369 5.30 19.50 25.21
N ILE B 370 6.15 18.52 25.62
CA ILE B 370 6.95 17.55 24.91
C ILE B 370 7.82 17.02 26.05
N GLU B 371 8.66 17.91 26.67
CA GLU B 371 9.69 17.60 27.65
C GLU B 371 9.08 17.26 28.99
N TRP B 372 7.96 17.92 29.32
CA TRP B 372 7.27 17.70 30.58
C TRP B 372 6.62 16.32 30.60
N LEU B 373 6.07 15.91 29.47
CA LEU B 373 5.41 14.62 29.36
C LEU B 373 6.44 13.48 29.41
N ALA B 374 7.71 13.83 29.28
CA ALA B 374 8.79 12.85 29.31
C ALA B 374 9.49 12.86 30.67
N ALA B 375 8.89 13.53 31.64
CA ALA B 375 9.46 13.62 32.98
C ALA B 375 8.40 13.42 34.06
N ASN B 376 7.21 13.02 33.64
CA ASN B 376 6.10 12.80 34.57
C ASN B 376 5.05 11.88 33.98
N TYR B 377 4.70 10.83 34.72
CA TYR B 377 3.70 9.87 34.27
C TYR B 377 3.50 8.77 35.30
N LYS B 378 4.35 8.75 36.31
CA LYS B 378 4.26 7.73 37.35
C LYS B 378 3.25 8.15 38.42
N ASN B 379 3.24 9.45 38.74
CA ASN B 379 2.32 9.99 39.72
C ASN B 379 0.87 9.75 39.29
N PHE B 380 0.64 9.88 38.00
CA PHE B 380 -0.68 9.69 37.41
C PHE B 380 -0.97 8.22 37.13
N GLY B 381 0.07 7.39 37.25
CA GLY B 381 -0.07 5.96 37.00
C GLY B 381 -0.23 5.64 35.53
N ALA B 382 -0.20 6.68 34.69
CA ALA B 382 -0.34 6.50 33.24
C ALA B 382 1.02 6.29 32.59
N THR B 383 1.12 6.67 31.33
CA THR B 383 2.37 6.53 30.58
C THR B 383 2.56 7.68 29.61
N LEU B 384 3.44 7.51 28.60
CA LEU B 384 3.77 8.51 27.63
C LEU B 384 4.67 7.86 26.66
N GLU B 385 4.55 8.25 25.38
CA GLU B 385 5.31 7.80 24.29
C GLU B 385 5.36 8.92 23.25
N PHE B 386 6.13 8.77 22.13
CA PHE B 386 6.15 9.76 21.07
C PHE B 386 6.17 9.20 19.67
N ILE B 387 5.91 9.96 18.51
CA ILE B 387 5.79 9.44 17.16
C ILE B 387 5.99 10.56 16.13
N THR B 388 5.56 10.30 14.90
CA THR B 388 5.70 11.28 13.83
C THR B 388 4.52 11.19 12.86
N ASP B 389 4.37 12.21 12.01
CA ASP B 389 3.29 12.25 11.04
C ASP B 389 3.75 11.70 9.69
N LYS B 390 4.96 11.14 9.66
CA LYS B 390 5.51 10.58 8.44
C LYS B 390 4.64 9.45 7.89
N SER B 391 3.48 9.81 7.35
CA SER B 391 2.55 8.83 6.80
C SER B 391 1.14 9.40 6.71
N SER B 392 0.21 8.58 6.22
CA SER B 392 -1.18 9.00 6.08
C SER B 392 -1.76 9.45 7.41
N GLU B 393 -1.82 8.52 8.37
CA GLU B 393 -2.36 8.82 9.69
C GLU B 393 -1.66 10.03 10.31
N GLY B 394 -0.36 10.14 10.09
CA GLY B 394 0.42 11.24 10.60
C GLY B 394 -0.20 12.59 10.23
N ALA B 395 -0.35 12.83 8.91
CA ALA B 395 -0.94 14.02 8.36
C ALA B 395 -2.32 14.31 8.89
N GLN B 396 -3.05 13.32 9.46
CA GLN B 396 -4.35 13.52 10.09
C GLN B 396 -4.26 14.30 11.32
N PHE B 397 -3.20 14.02 12.10
CA PHE B 397 -3.02 14.57 13.40
C PHE B 397 -2.83 16.04 13.28
N VAL B 398 -2.01 16.49 12.31
CA VAL B 398 -1.69 17.90 12.07
C VAL B 398 -2.94 18.67 11.65
N THR B 399 -3.70 18.09 10.74
CA THR B 399 -4.92 18.73 10.25
C THR B 399 -6.06 18.65 11.27
N GLY B 400 -6.26 17.50 11.93
CA GLY B 400 -7.32 17.32 12.87
C GLY B 400 -7.00 18.08 14.11
N PHE B 401 -5.70 18.04 14.51
CA PHE B 401 -5.27 18.73 15.73
C PHE B 401 -3.86 19.28 15.57
N GLY B 402 -3.04 19.10 16.60
CA GLY B 402 -1.67 19.58 16.59
C GLY B 402 -0.66 18.44 16.61
N GLY B 403 -0.50 17.82 17.77
CA GLY B 403 0.44 16.72 17.92
C GLY B 403 0.36 16.08 19.29
N ILE B 404 -0.83 15.91 19.94
CA ILE B 404 -0.85 15.20 21.21
C ILE B 404 -2.11 14.42 21.35
N GLY B 405 -2.08 13.14 21.61
CA GLY B 405 -3.14 12.15 21.69
C GLY B 405 -2.87 11.17 22.81
N ALA B 406 -3.76 10.53 23.59
CA ALA B 406 -3.60 9.63 24.71
C ALA B 406 -4.43 8.37 24.52
N MET B 407 -4.28 7.35 25.36
CA MET B 407 -4.89 6.08 25.14
C MET B 407 -5.44 5.71 26.42
N LEU B 408 -6.70 6.07 26.76
CA LEU B 408 -7.27 5.74 28.05
C LEU B 408 -7.10 4.26 28.28
N ARG B 409 -6.81 3.79 29.52
CA ARG B 409 -6.64 2.38 29.85
C ARG B 409 -7.64 1.51 29.09
N TYR B 410 -8.85 1.38 29.68
CA TYR B 410 -9.99 0.56 29.36
C TYR B 410 -10.96 1.48 28.79
N LYS B 411 -11.97 0.99 28.02
CA LYS B 411 -13.17 1.71 27.60
C LYS B 411 -13.68 2.76 28.58
N VAL B 412 -13.36 4.03 28.27
CA VAL B 412 -14.05 5.23 28.68
C VAL B 412 -14.71 5.83 27.47
N ASN B 413 -15.75 6.65 27.66
CA ASN B 413 -16.65 7.29 26.74
C ASN B 413 -16.08 8.59 26.18
N PHE B 414 -16.23 8.90 24.84
CA PHE B 414 -15.86 10.17 24.23
C PHE B 414 -16.33 11.34 25.09
N GLU B 415 -15.36 12.15 25.55
CA GLU B 415 -15.67 13.30 26.38
C GLU B 415 -16.79 14.13 25.78
N GLN B 416 -17.94 14.16 26.46
CA GLN B 416 -19.09 14.92 25.99
C GLN B 416 -18.69 16.34 25.59
N LEU B 417 -19.45 16.92 24.67
CA LEU B 417 -19.19 18.28 24.20
C LEU B 417 -20.46 18.94 23.69
N VAL B 418 -20.42 20.27 23.59
CA VAL B 418 -21.57 21.04 23.11
C VAL B 418 -22.05 20.53 21.76
N ASP B 419 -21.11 20.36 20.83
CA ASP B 419 -21.42 19.87 19.49
C ASP B 419 -22.18 18.56 19.54
N GLU B 420 -21.79 17.70 20.48
CA GLU B 420 -22.43 16.40 20.63
C GLU B 420 -23.84 16.54 21.21
N SER B 421 -24.78 15.74 20.69
CA SER B 421 -26.16 15.78 21.15
C SER B 421 -26.55 14.47 21.83
N GLU B 422 -27.50 14.53 22.13
#